data_1ZEW
# 
_entry.id   1ZEW 
# 
_audit_conform.dict_name       mmcif_pdbx.dic 
_audit_conform.dict_version    5.389 
_audit_conform.dict_location   http://mmcif.pdb.org/dictionaries/ascii/mmcif_pdbx.dic 
# 
loop_
_database_2.database_id 
_database_2.database_code 
_database_2.pdbx_database_accession 
_database_2.pdbx_DOI 
PDB   1ZEW         pdb_00001zew 10.2210/pdb1zew/pdb 
NDB   BD0076       ?            ?                   
RCSB  RCSB032639   ?            ?                   
WWPDB D_1000032639 ?            ?                   
# 
loop_
_pdbx_audit_revision_history.ordinal 
_pdbx_audit_revision_history.data_content_type 
_pdbx_audit_revision_history.major_revision 
_pdbx_audit_revision_history.minor_revision 
_pdbx_audit_revision_history.revision_date 
1 'Structure model' 1 0 2005-05-10 
2 'Structure model' 1 1 2008-04-30 
3 'Structure model' 1 2 2011-07-13 
4 'Structure model' 1 3 2024-02-14 
5 'Structure model' 1 4 2024-04-03 
# 
_pdbx_audit_revision_details.ordinal             1 
_pdbx_audit_revision_details.revision_ordinal    1 
_pdbx_audit_revision_details.data_content_type   'Structure model' 
_pdbx_audit_revision_details.provider            repository 
_pdbx_audit_revision_details.type                'Initial release' 
_pdbx_audit_revision_details.description         ? 
_pdbx_audit_revision_details.details             ? 
# 
loop_
_pdbx_audit_revision_group.ordinal 
_pdbx_audit_revision_group.revision_ordinal 
_pdbx_audit_revision_group.data_content_type 
_pdbx_audit_revision_group.group 
1 2 'Structure model' 'Version format compliance' 
2 3 'Structure model' 'Version format compliance' 
3 4 'Structure model' 'Data collection'           
4 4 'Structure model' 'Database references'       
5 5 'Structure model' 'Refinement description'    
# 
loop_
_pdbx_audit_revision_category.ordinal 
_pdbx_audit_revision_category.revision_ordinal 
_pdbx_audit_revision_category.data_content_type 
_pdbx_audit_revision_category.category 
1 4 'Structure model' chem_comp_atom                
2 4 'Structure model' chem_comp_bond                
3 4 'Structure model' database_2                    
4 5 'Structure model' pdbx_initial_refinement_model 
# 
loop_
_pdbx_audit_revision_item.ordinal 
_pdbx_audit_revision_item.revision_ordinal 
_pdbx_audit_revision_item.data_content_type 
_pdbx_audit_revision_item.item 
1 4 'Structure model' '_database_2.pdbx_DOI'                
2 4 'Structure model' '_database_2.pdbx_database_accession' 
# 
_pdbx_database_status.entry_id                        1ZEW 
_pdbx_database_status.deposit_site                    RCSB 
_pdbx_database_status.process_site                    RCSB 
_pdbx_database_status.recvd_initial_deposition_date   2005-04-19 
_pdbx_database_status.status_code                     REL 
_pdbx_database_status.status_code_sf                  REL 
_pdbx_database_status.status_code_mr                  ? 
_pdbx_database_status.SG_entry                        ? 
_pdbx_database_status.pdb_format_compatible           Y 
_pdbx_database_status.status_code_cs                  ? 
_pdbx_database_status.status_code_nmr_data            ? 
_pdbx_database_status.methods_development_category    ? 
# 
loop_
_pdbx_database_related.db_name 
_pdbx_database_related.db_id 
_pdbx_database_related.details 
_pdbx_database_related.content_type 
PDB 1P4Y . unspecified 
PDB 1P4Z . unspecified 
PDB 1DCW . unspecified 
PDB 1DCV . unspecified 
PDB 1ZEX . unspecified 
PDB 1ZEY . unspecified 
PDB 1ZEZ . unspecified 
PDB 1ZF0 . unspecified 
PDB 1ZF1 . unspecified 
PDB 1ZF2 . unspecified 
PDB 1ZF3 . unspecified 
PDB 1ZF4 . unspecified 
PDB 1ZF5 . unspecified 
PDB 1ZF6 . unspecified 
PDB 1ZF7 . unspecified 
PDB 1ZF8 . unspecified 
PDB 1ZF9 . unspecified 
PDB 1ZFA . unspecified 
PDB 1ZFB . unspecified 
PDB 1ZFC . unspecified 
PDB 1ZFE . unspecified 
PDB 1ZFF . unspecified 
PDB 1ZFG . unspecified 
PDB 1ZFH . unspecified 
PDB 1ZFM . unspecified 
# 
loop_
_audit_author.name 
_audit_author.pdbx_ordinal 
'Hays, F.A.'      1 
'Teegarden, A.T.' 2 
'Jones, Z.J.R.'   3 
'Harms, M.'       4 
'Raup, D.'        5 
'Watson, J.'      6 
'Cavaliere, E.'   7 
'Ho, P.S.'        8 
# 
_citation.id                        primary 
_citation.title                     'How sequence defines structure: a crystallographic map of DNA structure and conformation.' 
_citation.journal_abbrev            Proc.Natl.Acad.Sci.Usa 
_citation.journal_volume            102 
_citation.page_first                7157 
_citation.page_last                 7162 
_citation.year                      2005 
_citation.journal_id_ASTM           PNASA6 
_citation.country                   US 
_citation.journal_id_ISSN           0027-8424 
_citation.journal_id_CSD            0040 
_citation.book_publisher            ? 
_citation.pdbx_database_id_PubMed   15870206 
_citation.pdbx_database_id_DOI      10.1073/pnas.0409455102 
# 
loop_
_citation_author.citation_id 
_citation_author.name 
_citation_author.ordinal 
_citation_author.identifier_ORCID 
primary 'Hays, F.A.'    1 ? 
primary 'Teegarden, A.' 2 ? 
primary 'Jones, Z.J.'   3 ? 
primary 'Harms, M.'     4 ? 
primary 'Raup, D.'      5 ? 
primary 'Watson, J.'    6 ? 
primary 'Cavaliere, E.' 7 ? 
primary 'Ho, P.S.'      8 ? 
# 
loop_
_entity.id 
_entity.type 
_entity.src_method 
_entity.pdbx_description 
_entity.formula_weight 
_entity.pdbx_number_of_molecules 
_entity.pdbx_ec 
_entity.pdbx_mutation 
_entity.pdbx_fragment 
_entity.details 
1 polymer     syn "5'-D(*CP*CP*TP*CP*TP*AP*GP*AP*GP*G)-3'" 3045.004 2  ? ? ? ? 
2 non-polymer syn 'SODIUM ION'                             22.990   1  ? ? ? ? 
3 water       nat water                                    18.015   61 ? ? ? ? 
# 
_entity_poly.entity_id                      1 
_entity_poly.type                           polydeoxyribonucleotide 
_entity_poly.nstd_linkage                   no 
_entity_poly.nstd_monomer                   no 
_entity_poly.pdbx_seq_one_letter_code       '(DC)(DC)(DT)(DC)(DT)(DA)(DG)(DA)(DG)(DG)' 
_entity_poly.pdbx_seq_one_letter_code_can   CCTCTAGAGG 
_entity_poly.pdbx_strand_id                 A,B 
_entity_poly.pdbx_target_identifier         ? 
# 
loop_
_pdbx_entity_nonpoly.entity_id 
_pdbx_entity_nonpoly.name 
_pdbx_entity_nonpoly.comp_id 
2 'SODIUM ION' NA  
3 water        HOH 
# 
loop_
_entity_poly_seq.entity_id 
_entity_poly_seq.num 
_entity_poly_seq.mon_id 
_entity_poly_seq.hetero 
1 1  DC n 
1 2  DC n 
1 3  DT n 
1 4  DC n 
1 5  DT n 
1 6  DA n 
1 7  DG n 
1 8  DA n 
1 9  DG n 
1 10 DG n 
# 
_pdbx_entity_src_syn.entity_id              1 
_pdbx_entity_src_syn.pdbx_src_id            1 
_pdbx_entity_src_syn.pdbx_alt_source_flag   sample 
_pdbx_entity_src_syn.pdbx_beg_seq_num       ? 
_pdbx_entity_src_syn.pdbx_end_seq_num       ? 
_pdbx_entity_src_syn.organism_scientific    ? 
_pdbx_entity_src_syn.organism_common_name   ? 
_pdbx_entity_src_syn.ncbi_taxonomy_id       ? 
_pdbx_entity_src_syn.details                
;DNA WAS SYNTHESIZED ON AN APPLIED BIOSYSTEMS DNA SYNTHESIZER USING PHOSPHORAMIDITE CHEMISTRY, WITH THE TRITYL-PROTECTING GROUP LEFT INTACT AT THE 5'-TERMINAL NUCLEOTIDE THEN DEPROTECTED BY TREATMENT WITH 3% ACETIC ACID FOR FIFTEEN MINUTES, NEUTRALIZED WITH AMMONIUM HYDROXIDE, AND DESALTED ON A SIGMA G-25 SEPHADEX COLUMN.
;
# 
loop_
_chem_comp.id 
_chem_comp.type 
_chem_comp.mon_nstd_flag 
_chem_comp.name 
_chem_comp.pdbx_synonyms 
_chem_comp.formula 
_chem_comp.formula_weight 
DA  'DNA linking' y "2'-DEOXYADENOSINE-5'-MONOPHOSPHATE" ? 'C10 H14 N5 O6 P' 331.222 
DC  'DNA linking' y "2'-DEOXYCYTIDINE-5'-MONOPHOSPHATE"  ? 'C9 H14 N3 O7 P'  307.197 
DG  'DNA linking' y "2'-DEOXYGUANOSINE-5'-MONOPHOSPHATE" ? 'C10 H14 N5 O7 P' 347.221 
DT  'DNA linking' y "THYMIDINE-5'-MONOPHOSPHATE"         ? 'C10 H15 N2 O8 P' 322.208 
HOH non-polymer   . WATER                                ? 'H2 O'            18.015  
NA  non-polymer   . 'SODIUM ION'                         ? 'Na 1'            22.990  
# 
loop_
_pdbx_poly_seq_scheme.asym_id 
_pdbx_poly_seq_scheme.entity_id 
_pdbx_poly_seq_scheme.seq_id 
_pdbx_poly_seq_scheme.mon_id 
_pdbx_poly_seq_scheme.ndb_seq_num 
_pdbx_poly_seq_scheme.pdb_seq_num 
_pdbx_poly_seq_scheme.auth_seq_num 
_pdbx_poly_seq_scheme.pdb_mon_id 
_pdbx_poly_seq_scheme.auth_mon_id 
_pdbx_poly_seq_scheme.pdb_strand_id 
_pdbx_poly_seq_scheme.pdb_ins_code 
_pdbx_poly_seq_scheme.hetero 
A 1 1  DC 1  1  1  DC C A . n 
A 1 2  DC 2  2  2  DC C A . n 
A 1 3  DT 3  3  3  DT T A . n 
A 1 4  DC 4  4  4  DC C A . n 
A 1 5  DT 5  5  5  DT T A . n 
A 1 6  DA 6  6  6  DA A A . n 
A 1 7  DG 7  7  7  DG G A . n 
A 1 8  DA 8  8  8  DA A A . n 
A 1 9  DG 9  9  9  DG G A . n 
A 1 10 DG 10 10 10 DG G A . n 
B 1 1  DC 1  11 11 DC C B . n 
B 1 2  DC 2  12 12 DC C B . n 
B 1 3  DT 3  13 13 DT T B . n 
B 1 4  DC 4  14 14 DC C B . n 
B 1 5  DT 5  15 15 DT T B . n 
B 1 6  DA 6  16 16 DA A B . n 
B 1 7  DG 7  17 17 DG G B . n 
B 1 8  DA 8  18 18 DA A B . n 
B 1 9  DG 9  19 19 DG G B . n 
B 1 10 DG 10 20 20 DG G B . n 
# 
loop_
_pdbx_nonpoly_scheme.asym_id 
_pdbx_nonpoly_scheme.entity_id 
_pdbx_nonpoly_scheme.mon_id 
_pdbx_nonpoly_scheme.ndb_seq_num 
_pdbx_nonpoly_scheme.pdb_seq_num 
_pdbx_nonpoly_scheme.auth_seq_num 
_pdbx_nonpoly_scheme.pdb_mon_id 
_pdbx_nonpoly_scheme.auth_mon_id 
_pdbx_nonpoly_scheme.pdb_strand_id 
_pdbx_nonpoly_scheme.pdb_ins_code 
C 2 NA  1  21 21 NA  NA  B . 
D 3 HOH 1  22 22 HOH HOH A . 
D 3 HOH 2  24 24 HOH HOH A . 
D 3 HOH 3  26 26 HOH HOH A . 
D 3 HOH 4  27 27 HOH HOH A . 
D 3 HOH 5  28 28 HOH HOH A . 
D 3 HOH 6  32 32 HOH HOH A . 
D 3 HOH 7  33 33 HOH HOH A . 
D 3 HOH 8  34 34 HOH HOH A . 
D 3 HOH 9  35 35 HOH HOH A . 
D 3 HOH 10 36 36 HOH HOH A . 
D 3 HOH 11 37 37 HOH HOH A . 
D 3 HOH 12 38 38 HOH HOH A . 
D 3 HOH 13 39 39 HOH HOH A . 
D 3 HOH 14 40 40 HOH HOH A . 
D 3 HOH 15 41 41 HOH HOH A . 
D 3 HOH 16 42 42 HOH HOH A . 
D 3 HOH 17 43 43 HOH HOH A . 
D 3 HOH 18 44 44 HOH HOH A . 
D 3 HOH 19 47 47 HOH HOH A . 
D 3 HOH 20 50 50 HOH HOH A . 
D 3 HOH 21 51 51 HOH HOH A . 
D 3 HOH 22 53 53 HOH HOH A . 
D 3 HOH 23 54 54 HOH HOH A . 
D 3 HOH 24 56 56 HOH HOH A . 
D 3 HOH 25 61 61 HOH HOH A . 
D 3 HOH 26 63 63 HOH HOH A . 
D 3 HOH 27 64 64 HOH HOH A . 
D 3 HOH 28 65 65 HOH HOH A . 
D 3 HOH 29 66 66 HOH HOH A . 
D 3 HOH 30 68 68 HOH HOH A . 
D 3 HOH 31 71 71 HOH HOH A . 
D 3 HOH 32 72 72 HOH HOH A . 
D 3 HOH 33 73 73 HOH HOH A . 
D 3 HOH 34 74 74 HOH HOH A . 
D 3 HOH 35 77 77 HOH HOH A . 
D 3 HOH 36 78 78 HOH HOH A . 
D 3 HOH 37 79 79 HOH HOH A . 
D 3 HOH 38 80 80 HOH HOH A . 
E 3 HOH 1  23 23 HOH HOH B . 
E 3 HOH 2  25 25 HOH HOH B . 
E 3 HOH 3  29 29 HOH HOH B . 
E 3 HOH 4  30 30 HOH HOH B . 
E 3 HOH 5  31 31 HOH HOH B . 
E 3 HOH 6  45 45 HOH HOH B . 
E 3 HOH 7  46 46 HOH HOH B . 
E 3 HOH 8  48 48 HOH HOH B . 
E 3 HOH 9  49 49 HOH HOH B . 
E 3 HOH 10 52 52 HOH HOH B . 
E 3 HOH 11 55 55 HOH HOH B . 
E 3 HOH 12 57 57 HOH HOH B . 
E 3 HOH 13 58 58 HOH HOH B . 
E 3 HOH 14 59 59 HOH HOH B . 
E 3 HOH 15 60 60 HOH HOH B . 
E 3 HOH 16 62 62 HOH HOH B . 
E 3 HOH 17 67 67 HOH HOH B . 
E 3 HOH 18 69 69 HOH HOH B . 
E 3 HOH 19 70 70 HOH HOH B . 
E 3 HOH 20 75 75 HOH HOH B . 
E 3 HOH 21 76 76 HOH HOH B . 
E 3 HOH 22 81 81 HOH HOH B . 
E 3 HOH 23 82 82 HOH HOH B . 
# 
loop_
_software.name 
_software.classification 
_software.version 
_software.citation_id 
_software.pdbx_ordinal 
DENZO     'data reduction' .   ? 1 
SCALEPACK 'data scaling'   .   ? 2 
EPMR      phasing          .   ? 3 
CNS       refinement       1.0 ? 4 
# 
_cell.entry_id           1ZEW 
_cell.length_a           63.710 
_cell.length_b           24.556 
_cell.length_c           40.631 
_cell.angle_alpha        90.00 
_cell.angle_beta         122.59 
_cell.angle_gamma        90.00 
_cell.Z_PDB              8 
_cell.pdbx_unique_axis   ? 
# 
_symmetry.entry_id                         1ZEW 
_symmetry.space_group_name_H-M             'C 1 2 1' 
_symmetry.pdbx_full_space_group_name_H-M   ? 
_symmetry.cell_setting                     ? 
_symmetry.Int_Tables_number                5 
_symmetry.space_group_name_Hall            ? 
# 
_exptl.entry_id          1ZEW 
_exptl.method            'X-RAY DIFFRACTION' 
_exptl.crystals_number   1 
# 
_exptl_crystal.id                    1 
_exptl_crystal.density_meas          ? 
_exptl_crystal.density_Matthews      2.20 
_exptl_crystal.density_percent_sol   44.05 
_exptl_crystal.description           
'STRUCTURE IS NOT REFINED TO ITS LOWEST R AND RFREE VALUES, REFER TO LITERATURE CITATION FOR THIS STRUCTURE.' 
_exptl_crystal.F_000                 ? 
_exptl_crystal.preparation           ? 
# 
_exptl_crystal_grow.crystal_id      1 
_exptl_crystal_grow.method          ? 
_exptl_crystal_grow.temp            293 
_exptl_crystal_grow.temp_details    ? 
_exptl_crystal_grow.pH              7.00 
_exptl_crystal_grow.pdbx_details    
'NA CACODYLATE, CACL2, SPERMINE, MPD, IN RESEVOIR,, pH 7.00, VAPOR DIFFUSION, SITTING DROP, temperature 293K' 
_exptl_crystal_grow.pdbx_pH_range   . 
# 
loop_
_exptl_crystal_grow_comp.crystal_id 
_exptl_crystal_grow_comp.id 
_exptl_crystal_grow_comp.sol_id 
_exptl_crystal_grow_comp.name 
_exptl_crystal_grow_comp.volume 
_exptl_crystal_grow_comp.conc 
_exptl_crystal_grow_comp.details 
1 1 1 'NA CACODYLATE' ? ? ? 
1 2 1 CACL2           ? ? ? 
1 3 1 SPERMINE        ? ? ? 
1 4 1 MPD             ? ? ? 
1 5 1 H2O             ? ? ? 
1 6 2 'NA CACODYLATE' ? ? ? 
1 7 2 CACL2           ? ? ? 
1 8 2 MPD             ? ? ? 
1 9 2 H2O             ? ? ? 
# 
_diffrn.id                     1 
_diffrn.ambient_temp           103.0 
_diffrn.ambient_temp_details   ? 
_diffrn.crystal_id             1 
# 
_diffrn_detector.diffrn_id              1 
_diffrn_detector.detector               CCD 
_diffrn_detector.type                   MARRESEARCH 
_diffrn_detector.pdbx_collection_date   2003-06-13 
_diffrn_detector.details                ? 
# 
_diffrn_radiation.diffrn_id                        1 
_diffrn_radiation.wavelength_id                    1 
_diffrn_radiation.pdbx_monochromatic_or_laue_m_l   M 
_diffrn_radiation.monochromator                    ? 
_diffrn_radiation.pdbx_diffrn_protocol             'SINGLE WAVELENGTH' 
_diffrn_radiation.pdbx_scattering_type             x-ray 
# 
_diffrn_radiation_wavelength.id           1 
_diffrn_radiation_wavelength.wavelength   1.127 
_diffrn_radiation_wavelength.wt           1.0 
# 
_diffrn_source.diffrn_id                   1 
_diffrn_source.source                      SYNCHROTRON 
_diffrn_source.type                        'APS BEAMLINE 14-ID-B' 
_diffrn_source.pdbx_synchrotron_site       APS 
_diffrn_source.pdbx_synchrotron_beamline   14-ID-B 
_diffrn_source.pdbx_wavelength             1.127 
_diffrn_source.pdbx_wavelength_list        ? 
# 
_reflns.entry_id                     1ZEW 
_reflns.observed_criterion_sigma_I   0.000 
_reflns.observed_criterion_sigma_F   ? 
_reflns.d_resolution_low             17.120 
_reflns.d_resolution_high            2.000 
_reflns.number_obs                   3277 
_reflns.number_all                   ? 
_reflns.percent_possible_obs         88.6 
_reflns.pdbx_Rmerge_I_obs            0.057 
_reflns.pdbx_Rsym_value              ? 
_reflns.pdbx_netI_over_sigmaI        17.5500 
_reflns.B_iso_Wilson_estimate        15.30 
_reflns.pdbx_redundancy              ? 
_reflns.R_free_details               ? 
_reflns.pdbx_chi_squared             ? 
_reflns.pdbx_scaling_rejects         ? 
_reflns.pdbx_diffrn_id               1 
_reflns.pdbx_ordinal                 1 
# 
_reflns_shell.d_res_high             2.00 
_reflns_shell.d_res_low              2.07 
_reflns_shell.percent_possible_all   51.2 
_reflns_shell.Rmerge_I_obs           0.267 
_reflns_shell.pdbx_Rsym_value        ? 
_reflns_shell.meanI_over_sigI_obs    1.560 
_reflns_shell.pdbx_redundancy        ? 
_reflns_shell.percent_possible_obs   ? 
_reflns_shell.number_unique_all      ? 
_reflns_shell.number_measured_all    ? 
_reflns_shell.number_measured_obs    ? 
_reflns_shell.number_unique_obs      ? 
_reflns_shell.pdbx_chi_squared       ? 
_reflns_shell.pdbx_diffrn_id         ? 
_reflns_shell.pdbx_ordinal           1 
# 
_refine.entry_id                                 1ZEW 
_refine.ls_number_reflns_obs                     2423 
_refine.ls_number_reflns_all                     ? 
_refine.pdbx_ls_sigma_I                          ? 
_refine.pdbx_ls_sigma_F                          0.000 
_refine.pdbx_data_cutoff_high_absF               49849.000 
_refine.pdbx_data_cutoff_low_absF                0.0000 
_refine.pdbx_data_cutoff_high_rms_absF           ? 
_refine.ls_d_res_low                             17.12 
_refine.ls_d_res_high                            2.25 
_refine.ls_percent_reflns_obs                    92.2 
_refine.ls_R_factor_obs                          0.244 
_refine.ls_R_factor_all                          ? 
_refine.ls_R_factor_R_work                       0.244 
_refine.ls_R_factor_R_free                       0.273 
_refine.ls_R_factor_R_free_error                 0.018 
_refine.ls_R_factor_R_free_error_details         ? 
_refine.ls_percent_reflns_R_free                 9.400 
_refine.ls_number_reflns_R_free                  228 
_refine.ls_number_parameters                     ? 
_refine.ls_number_restraints                     ? 
_refine.occupancy_min                            ? 
_refine.occupancy_max                            ? 
_refine.correlation_coeff_Fo_to_Fc               ? 
_refine.correlation_coeff_Fo_to_Fc_free          ? 
_refine.B_iso_mean                               18.60 
_refine.aniso_B[1][1]                            -1.02000 
_refine.aniso_B[2][2]                            3.12000 
_refine.aniso_B[3][3]                            -2.10000 
_refine.aniso_B[1][2]                            0.00000 
_refine.aniso_B[1][3]                            0.81000 
_refine.aniso_B[2][3]                            0.00000 
_refine.solvent_model_details                    ? 
_refine.solvent_model_param_ksol                 ? 
_refine.solvent_model_param_bsol                 65.24 
_refine.pdbx_solvent_vdw_probe_radii             ? 
_refine.pdbx_solvent_ion_probe_radii             ? 
_refine.pdbx_solvent_shrinkage_radii             ? 
_refine.pdbx_ls_cross_valid_method               THROUGHOUT 
_refine.details                                  
'THIS STRUCTURE IS NOT FULLY REFINED. PART OF A CRYSTALLOGRAPHIC SCREEN - SEE REFERENCE.' 
_refine.pdbx_starting_model                      'NDB ENTRY BD0028' 
_refine.pdbx_method_to_determine_struct          'MOLECULAR REPLACEMENT' 
_refine.pdbx_isotropic_thermal_model             ? 
_refine.pdbx_stereochemistry_target_values       'MAXIMUM LIKELIHOOD' 
_refine.pdbx_stereochem_target_val_spec_case     ? 
_refine.pdbx_R_Free_selection_details            RANDOM 
_refine.pdbx_overall_ESU_R                       ? 
_refine.pdbx_overall_ESU_R_Free                  ? 
_refine.overall_SU_ML                            ? 
_refine.overall_SU_B                             ? 
_refine.ls_redundancy_reflns_obs                 ? 
_refine.overall_SU_R_Cruickshank_DPI             ? 
_refine.overall_SU_R_free                        ? 
_refine.ls_wR_factor_R_free                      ? 
_refine.ls_wR_factor_R_work                      ? 
_refine.overall_FOM_free_R_set                   ? 
_refine.overall_FOM_work_R_set                   ? 
_refine.pdbx_refine_id                           'X-RAY DIFFRACTION' 
_refine.pdbx_diffrn_id                           1 
_refine.pdbx_TLS_residual_ADP_flag               ? 
_refine.pdbx_overall_phase_error                 ? 
_refine.pdbx_overall_SU_R_free_Cruickshank_DPI   ? 
_refine.pdbx_overall_SU_R_Blow_DPI               ? 
_refine.pdbx_overall_SU_R_free_Blow_DPI          ? 
# 
_refine_analyze.entry_id                        1ZEW 
_refine_analyze.Luzzati_coordinate_error_obs    0.31 
_refine_analyze.Luzzati_sigma_a_obs             0.43 
_refine_analyze.Luzzati_d_res_low_obs           5.00 
_refine_analyze.Luzzati_coordinate_error_free   0.35 
_refine_analyze.Luzzati_sigma_a_free            0.57 
_refine_analyze.Luzzati_d_res_low_free          ? 
_refine_analyze.number_disordered_residues      ? 
_refine_analyze.occupancy_sum_hydrogen          ? 
_refine_analyze.occupancy_sum_non_hydrogen      ? 
_refine_analyze.pdbx_refine_id                  'X-RAY DIFFRACTION' 
# 
_refine_hist.pdbx_refine_id                   'X-RAY DIFFRACTION' 
_refine_hist.cycle_id                         LAST 
_refine_hist.pdbx_number_atoms_protein        0 
_refine_hist.pdbx_number_atoms_nucleic_acid   404 
_refine_hist.pdbx_number_atoms_ligand         1 
_refine_hist.number_atoms_solvent             61 
_refine_hist.number_atoms_total               466 
_refine_hist.d_res_high                       2.25 
_refine_hist.d_res_low                        17.12 
# 
loop_
_refine_ls_restr.type 
_refine_ls_restr.dev_ideal 
_refine_ls_restr.dev_ideal_target 
_refine_ls_restr.weight 
_refine_ls_restr.number 
_refine_ls_restr.pdbx_refine_id 
_refine_ls_restr.pdbx_restraint_function 
c_bond_d                0.004 ?     ? ? 'X-RAY DIFFRACTION' ? 
c_bond_d_na             ?     ?     ? ? 'X-RAY DIFFRACTION' ? 
c_bond_d_prot           ?     ?     ? ? 'X-RAY DIFFRACTION' ? 
c_angle_d               ?     ?     ? ? 'X-RAY DIFFRACTION' ? 
c_angle_d_na            ?     ?     ? ? 'X-RAY DIFFRACTION' ? 
c_angle_d_prot          ?     ?     ? ? 'X-RAY DIFFRACTION' ? 
c_angle_deg             0.90  ?     ? ? 'X-RAY DIFFRACTION' ? 
c_angle_deg_na          ?     ?     ? ? 'X-RAY DIFFRACTION' ? 
c_angle_deg_prot        ?     ?     ? ? 'X-RAY DIFFRACTION' ? 
c_dihedral_angle_d      19.40 ?     ? ? 'X-RAY DIFFRACTION' ? 
c_dihedral_angle_d_na   ?     ?     ? ? 'X-RAY DIFFRACTION' ? 
c_dihedral_angle_d_prot ?     ?     ? ? 'X-RAY DIFFRACTION' ? 
c_improper_angle_d      1.27  ?     ? ? 'X-RAY DIFFRACTION' ? 
c_improper_angle_d_na   ?     ?     ? ? 'X-RAY DIFFRACTION' ? 
c_improper_angle_d_prot ?     ?     ? ? 'X-RAY DIFFRACTION' ? 
c_mcbond_it             0.067 ?     ? ? 'X-RAY DIFFRACTION' ? 
c_mcangle_it            0.105 0.000 ? ? 'X-RAY DIFFRACTION' ? 
c_scbond_it             0.236 ?     ? ? 'X-RAY DIFFRACTION' ? 
c_scangle_it            0.387 ?     ? ? 'X-RAY DIFFRACTION' ? 
# 
_refine_ls_shell.pdbx_total_number_of_bins_used   6 
_refine_ls_shell.d_res_high                       2.25 
_refine_ls_shell.d_res_low                        2.39 
_refine_ls_shell.number_reflns_R_work             324 
_refine_ls_shell.R_factor_R_work                  0.317 
_refine_ls_shell.percent_reflns_obs               85.70 
_refine_ls_shell.R_factor_R_free                  0.276 
_refine_ls_shell.R_factor_R_free_error            0.043 
_refine_ls_shell.percent_reflns_R_free            11.50 
_refine_ls_shell.number_reflns_R_free             42 
_refine_ls_shell.redundancy_reflns_obs            ? 
_refine_ls_shell.pdbx_refine_id                   'X-RAY DIFFRACTION' 
_refine_ls_shell.number_reflns_all                ? 
_refine_ls_shell.R_factor_all                     ? 
# 
loop_
_pdbx_xplor_file.serial_no 
_pdbx_xplor_file.param_file 
_pdbx_xplor_file.topol_file 
_pdbx_xplor_file.pdbx_refine_id 
1 DNA-RNA_REP.PARAM DNA-RNA.TOP  'X-RAY DIFFRACTION' 
2 ION.PARAM         DNA-RNA.LINK 'X-RAY DIFFRACTION' 
3 WATER_REP.PARAM   WATER.TOP    'X-RAY DIFFRACTION' 
4 ?                 ION.TOP      'X-RAY DIFFRACTION' 
# 
_struct.entry_id                  1ZEW 
_struct.title                     B-DNA 
_struct.pdbx_model_details        ? 
_struct.pdbx_CASP_flag            ? 
_struct.pdbx_model_type_details   ? 
# 
_struct_keywords.entry_id        1ZEW 
_struct_keywords.pdbx_keywords   DNA 
_struct_keywords.text            'CRYSTALLOGRAPHIC SCREEN, DNA STRUCTURE, HOLLIDAY JUNCTION, MOLECULAR STRUCTURE, DNA' 
# 
loop_
_struct_asym.id 
_struct_asym.pdbx_blank_PDB_chainid_flag 
_struct_asym.pdbx_modified 
_struct_asym.entity_id 
_struct_asym.details 
A N N 1 ? 
B N N 1 ? 
C N N 2 ? 
D N N 3 ? 
E N N 3 ? 
# 
_struct_ref.id                         1 
_struct_ref.entity_id                  1 
_struct_ref.db_name                    PDB 
_struct_ref.db_code                    1ZEW 
_struct_ref.pdbx_db_accession          1ZEW 
_struct_ref.pdbx_db_isoform            ? 
_struct_ref.pdbx_seq_one_letter_code   ? 
_struct_ref.pdbx_align_begin           ? 
# 
loop_
_struct_ref_seq.align_id 
_struct_ref_seq.ref_id 
_struct_ref_seq.pdbx_PDB_id_code 
_struct_ref_seq.pdbx_strand_id 
_struct_ref_seq.seq_align_beg 
_struct_ref_seq.pdbx_seq_align_beg_ins_code 
_struct_ref_seq.seq_align_end 
_struct_ref_seq.pdbx_seq_align_end_ins_code 
_struct_ref_seq.pdbx_db_accession 
_struct_ref_seq.db_align_beg 
_struct_ref_seq.pdbx_db_align_beg_ins_code 
_struct_ref_seq.db_align_end 
_struct_ref_seq.pdbx_db_align_end_ins_code 
_struct_ref_seq.pdbx_auth_seq_align_beg 
_struct_ref_seq.pdbx_auth_seq_align_end 
1 1 1ZEW A 1 ? 10 ? 1ZEW 1  ? 10 ? 1  10 
2 1 1ZEW B 1 ? 10 ? 1ZEW 11 ? 20 ? 11 20 
# 
_pdbx_struct_assembly.id                   1 
_pdbx_struct_assembly.details              author_defined_assembly 
_pdbx_struct_assembly.method_details       ? 
_pdbx_struct_assembly.oligomeric_details   dimeric 
_pdbx_struct_assembly.oligomeric_count     2 
# 
_pdbx_struct_assembly_gen.assembly_id       1 
_pdbx_struct_assembly_gen.oper_expression   1 
_pdbx_struct_assembly_gen.asym_id_list      A,B,C,D,E 
# 
_pdbx_struct_oper_list.id                   1 
_pdbx_struct_oper_list.type                 'identity operation' 
_pdbx_struct_oper_list.name                 1_555 
_pdbx_struct_oper_list.symmetry_operation   x,y,z 
_pdbx_struct_oper_list.matrix[1][1]         1.0000000000 
_pdbx_struct_oper_list.matrix[1][2]         0.0000000000 
_pdbx_struct_oper_list.matrix[1][3]         0.0000000000 
_pdbx_struct_oper_list.vector[1]            0.0000000000 
_pdbx_struct_oper_list.matrix[2][1]         0.0000000000 
_pdbx_struct_oper_list.matrix[2][2]         1.0000000000 
_pdbx_struct_oper_list.matrix[2][3]         0.0000000000 
_pdbx_struct_oper_list.vector[2]            0.0000000000 
_pdbx_struct_oper_list.matrix[3][1]         0.0000000000 
_pdbx_struct_oper_list.matrix[3][2]         0.0000000000 
_pdbx_struct_oper_list.matrix[3][3]         1.0000000000 
_pdbx_struct_oper_list.vector[3]            0.0000000000 
# 
_struct_biol.id                    1 
_struct_biol.pdbx_parent_biol_id   ? 
_struct_biol.details               ? 
# 
loop_
_struct_conn.id 
_struct_conn.conn_type_id 
_struct_conn.pdbx_leaving_atom_flag 
_struct_conn.pdbx_PDB_id 
_struct_conn.ptnr1_label_asym_id 
_struct_conn.ptnr1_label_comp_id 
_struct_conn.ptnr1_label_seq_id 
_struct_conn.ptnr1_label_atom_id 
_struct_conn.pdbx_ptnr1_label_alt_id 
_struct_conn.pdbx_ptnr1_PDB_ins_code 
_struct_conn.pdbx_ptnr1_standard_comp_id 
_struct_conn.ptnr1_symmetry 
_struct_conn.ptnr2_label_asym_id 
_struct_conn.ptnr2_label_comp_id 
_struct_conn.ptnr2_label_seq_id 
_struct_conn.ptnr2_label_atom_id 
_struct_conn.pdbx_ptnr2_label_alt_id 
_struct_conn.pdbx_ptnr2_PDB_ins_code 
_struct_conn.ptnr1_auth_asym_id 
_struct_conn.ptnr1_auth_comp_id 
_struct_conn.ptnr1_auth_seq_id 
_struct_conn.ptnr2_auth_asym_id 
_struct_conn.ptnr2_auth_comp_id 
_struct_conn.ptnr2_auth_seq_id 
_struct_conn.ptnr2_symmetry 
_struct_conn.pdbx_ptnr3_label_atom_id 
_struct_conn.pdbx_ptnr3_label_seq_id 
_struct_conn.pdbx_ptnr3_label_comp_id 
_struct_conn.pdbx_ptnr3_label_asym_id 
_struct_conn.pdbx_ptnr3_label_alt_id 
_struct_conn.pdbx_ptnr3_PDB_ins_code 
_struct_conn.details 
_struct_conn.pdbx_dist_value 
_struct_conn.pdbx_value_order 
_struct_conn.pdbx_role 
hydrog1  hydrog ? ? A DC 1  N3 ? ? ? 1_555 B DG 10 N1 ? ? A DC 1  B DG 20 1_555 ? ? ? ? ? ? WATSON-CRICK ? ? ? 
hydrog2  hydrog ? ? A DC 1  N4 ? ? ? 1_555 B DG 10 O6 ? ? A DC 1  B DG 20 1_555 ? ? ? ? ? ? WATSON-CRICK ? ? ? 
hydrog3  hydrog ? ? A DC 1  O2 ? ? ? 1_555 B DG 10 N2 ? ? A DC 1  B DG 20 1_555 ? ? ? ? ? ? WATSON-CRICK ? ? ? 
hydrog4  hydrog ? ? A DC 2  N3 ? ? ? 1_555 B DG 9  N1 ? ? A DC 2  B DG 19 1_555 ? ? ? ? ? ? WATSON-CRICK ? ? ? 
hydrog5  hydrog ? ? A DC 2  N4 ? ? ? 1_555 B DG 9  O6 ? ? A DC 2  B DG 19 1_555 ? ? ? ? ? ? WATSON-CRICK ? ? ? 
hydrog6  hydrog ? ? A DC 2  O2 ? ? ? 1_555 B DG 9  N2 ? ? A DC 2  B DG 19 1_555 ? ? ? ? ? ? WATSON-CRICK ? ? ? 
hydrog7  hydrog ? ? A DC 4  N3 ? ? ? 1_555 B DG 7  N1 ? ? A DC 4  B DG 17 1_555 ? ? ? ? ? ? WATSON-CRICK ? ? ? 
hydrog8  hydrog ? ? A DC 4  N4 ? ? ? 1_555 B DG 7  O6 ? ? A DC 4  B DG 17 1_555 ? ? ? ? ? ? WATSON-CRICK ? ? ? 
hydrog9  hydrog ? ? A DC 4  O2 ? ? ? 1_555 B DG 7  N2 ? ? A DC 4  B DG 17 1_555 ? ? ? ? ? ? WATSON-CRICK ? ? ? 
hydrog10 hydrog ? ? A DT 5  N3 ? ? ? 1_555 B DA 6  N1 ? ? A DT 5  B DA 16 1_555 ? ? ? ? ? ? WATSON-CRICK ? ? ? 
hydrog11 hydrog ? ? A DT 5  O4 ? ? ? 1_555 B DA 6  N6 ? ? A DT 5  B DA 16 1_555 ? ? ? ? ? ? WATSON-CRICK ? ? ? 
hydrog12 hydrog ? ? A DA 6  N1 ? ? ? 1_555 B DT 5  N3 ? ? A DA 6  B DT 15 1_555 ? ? ? ? ? ? WATSON-CRICK ? ? ? 
hydrog13 hydrog ? ? A DA 6  N6 ? ? ? 1_555 B DT 5  O4 ? ? A DA 6  B DT 15 1_555 ? ? ? ? ? ? WATSON-CRICK ? ? ? 
hydrog14 hydrog ? ? A DG 7  N1 ? ? ? 1_555 B DC 4  N3 ? ? A DG 7  B DC 14 1_555 ? ? ? ? ? ? WATSON-CRICK ? ? ? 
hydrog15 hydrog ? ? A DG 7  N2 ? ? ? 1_555 B DC 4  O2 ? ? A DG 7  B DC 14 1_555 ? ? ? ? ? ? WATSON-CRICK ? ? ? 
hydrog16 hydrog ? ? A DG 7  O6 ? ? ? 1_555 B DC 4  N4 ? ? A DG 7  B DC 14 1_555 ? ? ? ? ? ? WATSON-CRICK ? ? ? 
hydrog17 hydrog ? ? A DG 9  N1 ? ? ? 1_555 B DC 2  N3 ? ? A DG 9  B DC 12 1_555 ? ? ? ? ? ? 'DG-DC PAIR' ? ? ? 
hydrog18 hydrog ? ? A DG 10 N2 ? ? ? 1_555 B DC 1  O2 ? ? A DG 10 B DC 11 1_555 ? ? ? ? ? ? 'DG-DC PAIR' ? ? ? 
# 
_struct_conn_type.id          hydrog 
_struct_conn_type.criteria    ? 
_struct_conn_type.reference   ? 
# 
loop_
_pdbx_validate_close_contact.id 
_pdbx_validate_close_contact.PDB_model_num 
_pdbx_validate_close_contact.auth_atom_id_1 
_pdbx_validate_close_contact.auth_asym_id_1 
_pdbx_validate_close_contact.auth_comp_id_1 
_pdbx_validate_close_contact.auth_seq_id_1 
_pdbx_validate_close_contact.PDB_ins_code_1 
_pdbx_validate_close_contact.label_alt_id_1 
_pdbx_validate_close_contact.auth_atom_id_2 
_pdbx_validate_close_contact.auth_asym_id_2 
_pdbx_validate_close_contact.auth_comp_id_2 
_pdbx_validate_close_contact.auth_seq_id_2 
_pdbx_validate_close_contact.PDB_ins_code_2 
_pdbx_validate_close_contact.label_alt_id_2 
_pdbx_validate_close_contact.dist 
1 1 O     A HOH 78 ? ? O A HOH 79 ? ? 1.93 
2 1 "O5'" A DT  5  ? ? O A HOH 77 ? ? 1.98 
3 1 O4    A DT  3  ? ? O A HOH 44 ? ? 2.16 
# 
loop_
_pdbx_struct_special_symmetry.id 
_pdbx_struct_special_symmetry.PDB_model_num 
_pdbx_struct_special_symmetry.auth_asym_id 
_pdbx_struct_special_symmetry.auth_comp_id 
_pdbx_struct_special_symmetry.auth_seq_id 
_pdbx_struct_special_symmetry.PDB_ins_code 
_pdbx_struct_special_symmetry.label_asym_id 
_pdbx_struct_special_symmetry.label_comp_id 
_pdbx_struct_special_symmetry.label_seq_id 
1 1 B NA  21 ? C NA  . 
2 1 A HOH 22 ? D HOH . 
# 
loop_
_chem_comp_atom.comp_id 
_chem_comp_atom.atom_id 
_chem_comp_atom.type_symbol 
_chem_comp_atom.pdbx_aromatic_flag 
_chem_comp_atom.pdbx_stereo_config 
_chem_comp_atom.pdbx_ordinal 
DA  OP3    O  N N 1   
DA  P      P  N N 2   
DA  OP1    O  N N 3   
DA  OP2    O  N N 4   
DA  "O5'"  O  N N 5   
DA  "C5'"  C  N N 6   
DA  "C4'"  C  N R 7   
DA  "O4'"  O  N N 8   
DA  "C3'"  C  N S 9   
DA  "O3'"  O  N N 10  
DA  "C2'"  C  N N 11  
DA  "C1'"  C  N R 12  
DA  N9     N  Y N 13  
DA  C8     C  Y N 14  
DA  N7     N  Y N 15  
DA  C5     C  Y N 16  
DA  C6     C  Y N 17  
DA  N6     N  N N 18  
DA  N1     N  Y N 19  
DA  C2     C  Y N 20  
DA  N3     N  Y N 21  
DA  C4     C  Y N 22  
DA  HOP3   H  N N 23  
DA  HOP2   H  N N 24  
DA  "H5'"  H  N N 25  
DA  "H5''" H  N N 26  
DA  "H4'"  H  N N 27  
DA  "H3'"  H  N N 28  
DA  "HO3'" H  N N 29  
DA  "H2'"  H  N N 30  
DA  "H2''" H  N N 31  
DA  "H1'"  H  N N 32  
DA  H8     H  N N 33  
DA  H61    H  N N 34  
DA  H62    H  N N 35  
DA  H2     H  N N 36  
DC  OP3    O  N N 37  
DC  P      P  N N 38  
DC  OP1    O  N N 39  
DC  OP2    O  N N 40  
DC  "O5'"  O  N N 41  
DC  "C5'"  C  N N 42  
DC  "C4'"  C  N R 43  
DC  "O4'"  O  N N 44  
DC  "C3'"  C  N S 45  
DC  "O3'"  O  N N 46  
DC  "C2'"  C  N N 47  
DC  "C1'"  C  N R 48  
DC  N1     N  N N 49  
DC  C2     C  N N 50  
DC  O2     O  N N 51  
DC  N3     N  N N 52  
DC  C4     C  N N 53  
DC  N4     N  N N 54  
DC  C5     C  N N 55  
DC  C6     C  N N 56  
DC  HOP3   H  N N 57  
DC  HOP2   H  N N 58  
DC  "H5'"  H  N N 59  
DC  "H5''" H  N N 60  
DC  "H4'"  H  N N 61  
DC  "H3'"  H  N N 62  
DC  "HO3'" H  N N 63  
DC  "H2'"  H  N N 64  
DC  "H2''" H  N N 65  
DC  "H1'"  H  N N 66  
DC  H41    H  N N 67  
DC  H42    H  N N 68  
DC  H5     H  N N 69  
DC  H6     H  N N 70  
DG  OP3    O  N N 71  
DG  P      P  N N 72  
DG  OP1    O  N N 73  
DG  OP2    O  N N 74  
DG  "O5'"  O  N N 75  
DG  "C5'"  C  N N 76  
DG  "C4'"  C  N R 77  
DG  "O4'"  O  N N 78  
DG  "C3'"  C  N S 79  
DG  "O3'"  O  N N 80  
DG  "C2'"  C  N N 81  
DG  "C1'"  C  N R 82  
DG  N9     N  Y N 83  
DG  C8     C  Y N 84  
DG  N7     N  Y N 85  
DG  C5     C  Y N 86  
DG  C6     C  N N 87  
DG  O6     O  N N 88  
DG  N1     N  N N 89  
DG  C2     C  N N 90  
DG  N2     N  N N 91  
DG  N3     N  N N 92  
DG  C4     C  Y N 93  
DG  HOP3   H  N N 94  
DG  HOP2   H  N N 95  
DG  "H5'"  H  N N 96  
DG  "H5''" H  N N 97  
DG  "H4'"  H  N N 98  
DG  "H3'"  H  N N 99  
DG  "HO3'" H  N N 100 
DG  "H2'"  H  N N 101 
DG  "H2''" H  N N 102 
DG  "H1'"  H  N N 103 
DG  H8     H  N N 104 
DG  H1     H  N N 105 
DG  H21    H  N N 106 
DG  H22    H  N N 107 
DT  OP3    O  N N 108 
DT  P      P  N N 109 
DT  OP1    O  N N 110 
DT  OP2    O  N N 111 
DT  "O5'"  O  N N 112 
DT  "C5'"  C  N N 113 
DT  "C4'"  C  N R 114 
DT  "O4'"  O  N N 115 
DT  "C3'"  C  N S 116 
DT  "O3'"  O  N N 117 
DT  "C2'"  C  N N 118 
DT  "C1'"  C  N R 119 
DT  N1     N  N N 120 
DT  C2     C  N N 121 
DT  O2     O  N N 122 
DT  N3     N  N N 123 
DT  C4     C  N N 124 
DT  O4     O  N N 125 
DT  C5     C  N N 126 
DT  C7     C  N N 127 
DT  C6     C  N N 128 
DT  HOP3   H  N N 129 
DT  HOP2   H  N N 130 
DT  "H5'"  H  N N 131 
DT  "H5''" H  N N 132 
DT  "H4'"  H  N N 133 
DT  "H3'"  H  N N 134 
DT  "HO3'" H  N N 135 
DT  "H2'"  H  N N 136 
DT  "H2''" H  N N 137 
DT  "H1'"  H  N N 138 
DT  H3     H  N N 139 
DT  H71    H  N N 140 
DT  H72    H  N N 141 
DT  H73    H  N N 142 
DT  H6     H  N N 143 
HOH O      O  N N 144 
HOH H1     H  N N 145 
HOH H2     H  N N 146 
NA  NA     NA N N 147 
# 
loop_
_chem_comp_bond.comp_id 
_chem_comp_bond.atom_id_1 
_chem_comp_bond.atom_id_2 
_chem_comp_bond.value_order 
_chem_comp_bond.pdbx_aromatic_flag 
_chem_comp_bond.pdbx_stereo_config 
_chem_comp_bond.pdbx_ordinal 
DA  OP3   P      sing N N 1   
DA  OP3   HOP3   sing N N 2   
DA  P     OP1    doub N N 3   
DA  P     OP2    sing N N 4   
DA  P     "O5'"  sing N N 5   
DA  OP2   HOP2   sing N N 6   
DA  "O5'" "C5'"  sing N N 7   
DA  "C5'" "C4'"  sing N N 8   
DA  "C5'" "H5'"  sing N N 9   
DA  "C5'" "H5''" sing N N 10  
DA  "C4'" "O4'"  sing N N 11  
DA  "C4'" "C3'"  sing N N 12  
DA  "C4'" "H4'"  sing N N 13  
DA  "O4'" "C1'"  sing N N 14  
DA  "C3'" "O3'"  sing N N 15  
DA  "C3'" "C2'"  sing N N 16  
DA  "C3'" "H3'"  sing N N 17  
DA  "O3'" "HO3'" sing N N 18  
DA  "C2'" "C1'"  sing N N 19  
DA  "C2'" "H2'"  sing N N 20  
DA  "C2'" "H2''" sing N N 21  
DA  "C1'" N9     sing N N 22  
DA  "C1'" "H1'"  sing N N 23  
DA  N9    C8     sing Y N 24  
DA  N9    C4     sing Y N 25  
DA  C8    N7     doub Y N 26  
DA  C8    H8     sing N N 27  
DA  N7    C5     sing Y N 28  
DA  C5    C6     sing Y N 29  
DA  C5    C4     doub Y N 30  
DA  C6    N6     sing N N 31  
DA  C6    N1     doub Y N 32  
DA  N6    H61    sing N N 33  
DA  N6    H62    sing N N 34  
DA  N1    C2     sing Y N 35  
DA  C2    N3     doub Y N 36  
DA  C2    H2     sing N N 37  
DA  N3    C4     sing Y N 38  
DC  OP3   P      sing N N 39  
DC  OP3   HOP3   sing N N 40  
DC  P     OP1    doub N N 41  
DC  P     OP2    sing N N 42  
DC  P     "O5'"  sing N N 43  
DC  OP2   HOP2   sing N N 44  
DC  "O5'" "C5'"  sing N N 45  
DC  "C5'" "C4'"  sing N N 46  
DC  "C5'" "H5'"  sing N N 47  
DC  "C5'" "H5''" sing N N 48  
DC  "C4'" "O4'"  sing N N 49  
DC  "C4'" "C3'"  sing N N 50  
DC  "C4'" "H4'"  sing N N 51  
DC  "O4'" "C1'"  sing N N 52  
DC  "C3'" "O3'"  sing N N 53  
DC  "C3'" "C2'"  sing N N 54  
DC  "C3'" "H3'"  sing N N 55  
DC  "O3'" "HO3'" sing N N 56  
DC  "C2'" "C1'"  sing N N 57  
DC  "C2'" "H2'"  sing N N 58  
DC  "C2'" "H2''" sing N N 59  
DC  "C1'" N1     sing N N 60  
DC  "C1'" "H1'"  sing N N 61  
DC  N1    C2     sing N N 62  
DC  N1    C6     sing N N 63  
DC  C2    O2     doub N N 64  
DC  C2    N3     sing N N 65  
DC  N3    C4     doub N N 66  
DC  C4    N4     sing N N 67  
DC  C4    C5     sing N N 68  
DC  N4    H41    sing N N 69  
DC  N4    H42    sing N N 70  
DC  C5    C6     doub N N 71  
DC  C5    H5     sing N N 72  
DC  C6    H6     sing N N 73  
DG  OP3   P      sing N N 74  
DG  OP3   HOP3   sing N N 75  
DG  P     OP1    doub N N 76  
DG  P     OP2    sing N N 77  
DG  P     "O5'"  sing N N 78  
DG  OP2   HOP2   sing N N 79  
DG  "O5'" "C5'"  sing N N 80  
DG  "C5'" "C4'"  sing N N 81  
DG  "C5'" "H5'"  sing N N 82  
DG  "C5'" "H5''" sing N N 83  
DG  "C4'" "O4'"  sing N N 84  
DG  "C4'" "C3'"  sing N N 85  
DG  "C4'" "H4'"  sing N N 86  
DG  "O4'" "C1'"  sing N N 87  
DG  "C3'" "O3'"  sing N N 88  
DG  "C3'" "C2'"  sing N N 89  
DG  "C3'" "H3'"  sing N N 90  
DG  "O3'" "HO3'" sing N N 91  
DG  "C2'" "C1'"  sing N N 92  
DG  "C2'" "H2'"  sing N N 93  
DG  "C2'" "H2''" sing N N 94  
DG  "C1'" N9     sing N N 95  
DG  "C1'" "H1'"  sing N N 96  
DG  N9    C8     sing Y N 97  
DG  N9    C4     sing Y N 98  
DG  C8    N7     doub Y N 99  
DG  C8    H8     sing N N 100 
DG  N7    C5     sing Y N 101 
DG  C5    C6     sing N N 102 
DG  C5    C4     doub Y N 103 
DG  C6    O6     doub N N 104 
DG  C6    N1     sing N N 105 
DG  N1    C2     sing N N 106 
DG  N1    H1     sing N N 107 
DG  C2    N2     sing N N 108 
DG  C2    N3     doub N N 109 
DG  N2    H21    sing N N 110 
DG  N2    H22    sing N N 111 
DG  N3    C4     sing N N 112 
DT  OP3   P      sing N N 113 
DT  OP3   HOP3   sing N N 114 
DT  P     OP1    doub N N 115 
DT  P     OP2    sing N N 116 
DT  P     "O5'"  sing N N 117 
DT  OP2   HOP2   sing N N 118 
DT  "O5'" "C5'"  sing N N 119 
DT  "C5'" "C4'"  sing N N 120 
DT  "C5'" "H5'"  sing N N 121 
DT  "C5'" "H5''" sing N N 122 
DT  "C4'" "O4'"  sing N N 123 
DT  "C4'" "C3'"  sing N N 124 
DT  "C4'" "H4'"  sing N N 125 
DT  "O4'" "C1'"  sing N N 126 
DT  "C3'" "O3'"  sing N N 127 
DT  "C3'" "C2'"  sing N N 128 
DT  "C3'" "H3'"  sing N N 129 
DT  "O3'" "HO3'" sing N N 130 
DT  "C2'" "C1'"  sing N N 131 
DT  "C2'" "H2'"  sing N N 132 
DT  "C2'" "H2''" sing N N 133 
DT  "C1'" N1     sing N N 134 
DT  "C1'" "H1'"  sing N N 135 
DT  N1    C2     sing N N 136 
DT  N1    C6     sing N N 137 
DT  C2    O2     doub N N 138 
DT  C2    N3     sing N N 139 
DT  N3    C4     sing N N 140 
DT  N3    H3     sing N N 141 
DT  C4    O4     doub N N 142 
DT  C4    C5     sing N N 143 
DT  C5    C7     sing N N 144 
DT  C5    C6     doub N N 145 
DT  C7    H71    sing N N 146 
DT  C7    H72    sing N N 147 
DT  C7    H73    sing N N 148 
DT  C6    H6     sing N N 149 
HOH O     H1     sing N N 150 
HOH O     H2     sing N N 151 
# 
loop_
_ndb_struct_conf_na.entry_id 
_ndb_struct_conf_na.feature 
1ZEW 'double helix'         
1ZEW 'mismatched base pair' 
# 
loop_
_ndb_struct_na_base_pair.model_number 
_ndb_struct_na_base_pair.i_label_asym_id 
_ndb_struct_na_base_pair.i_label_comp_id 
_ndb_struct_na_base_pair.i_label_seq_id 
_ndb_struct_na_base_pair.i_symmetry 
_ndb_struct_na_base_pair.j_label_asym_id 
_ndb_struct_na_base_pair.j_label_comp_id 
_ndb_struct_na_base_pair.j_label_seq_id 
_ndb_struct_na_base_pair.j_symmetry 
_ndb_struct_na_base_pair.shear 
_ndb_struct_na_base_pair.stretch 
_ndb_struct_na_base_pair.stagger 
_ndb_struct_na_base_pair.buckle 
_ndb_struct_na_base_pair.propeller 
_ndb_struct_na_base_pair.opening 
_ndb_struct_na_base_pair.pair_number 
_ndb_struct_na_base_pair.pair_name 
_ndb_struct_na_base_pair.i_auth_asym_id 
_ndb_struct_na_base_pair.i_auth_seq_id 
_ndb_struct_na_base_pair.i_PDB_ins_code 
_ndb_struct_na_base_pair.j_auth_asym_id 
_ndb_struct_na_base_pair.j_auth_seq_id 
_ndb_struct_na_base_pair.j_PDB_ins_code 
_ndb_struct_na_base_pair.hbond_type_28 
_ndb_struct_na_base_pair.hbond_type_12 
1 A DC 1  1_555 B DG 10 1_555 0.104  -0.253 0.753  -12.941 -22.769 -2.958 1 A_DC1:DG20_B  A 1  ? B 20 ? 19 1 
1 A DC 2  1_555 B DG 9  1_555 1.026  -0.416 0.041  -4.433  -7.008  -4.632 2 A_DC2:DG19_B  A 2  ? B 19 ? 19 1 
1 A DC 4  1_555 B DG 7  1_555 0.237  -0.097 0.162  -16.467 -6.442  2.371  3 A_DC4:DG17_B  A 4  ? B 17 ? 19 1 
1 A DT 5  1_555 B DA 6  1_555 -0.242 -0.397 0.516  -3.901  -7.186  -1.735 4 A_DT5:DA16_B  A 5  ? B 16 ? 20 1 
1 A DA 6  1_555 B DT 5  1_555 -1.316 -0.501 -0.164 -5.180  -10.262 1.854  5 A_DA6:DT15_B  A 6  ? B 15 ? 20 1 
1 A DG 7  1_555 B DC 4  1_555 0.586  0.094  0.660  13.623  -2.491  1.224  6 A_DG7:DC14_B  A 7  ? B 14 ? 19 1 
1 A DG 9  1_555 B DC 2  1_555 -0.462 0.380  0.696  -5.661  -29.804 11.712 7 A_DG9:DC12_B  A 9  ? B 12 ? ?  1 
1 A DG 10 1_555 B DC 1  1_555 1.257  0.864  -0.017 -6.144  -8.576  20.584 8 A_DG10:DC11_B A 10 ? B 11 ? ?  1 
# 
loop_
_ndb_struct_na_base_pair_step.model_number 
_ndb_struct_na_base_pair_step.i_label_asym_id_1 
_ndb_struct_na_base_pair_step.i_label_comp_id_1 
_ndb_struct_na_base_pair_step.i_label_seq_id_1 
_ndb_struct_na_base_pair_step.i_symmetry_1 
_ndb_struct_na_base_pair_step.j_label_asym_id_1 
_ndb_struct_na_base_pair_step.j_label_comp_id_1 
_ndb_struct_na_base_pair_step.j_label_seq_id_1 
_ndb_struct_na_base_pair_step.j_symmetry_1 
_ndb_struct_na_base_pair_step.i_label_asym_id_2 
_ndb_struct_na_base_pair_step.i_label_comp_id_2 
_ndb_struct_na_base_pair_step.i_label_seq_id_2 
_ndb_struct_na_base_pair_step.i_symmetry_2 
_ndb_struct_na_base_pair_step.j_label_asym_id_2 
_ndb_struct_na_base_pair_step.j_label_comp_id_2 
_ndb_struct_na_base_pair_step.j_label_seq_id_2 
_ndb_struct_na_base_pair_step.j_symmetry_2 
_ndb_struct_na_base_pair_step.shift 
_ndb_struct_na_base_pair_step.slide 
_ndb_struct_na_base_pair_step.rise 
_ndb_struct_na_base_pair_step.tilt 
_ndb_struct_na_base_pair_step.roll 
_ndb_struct_na_base_pair_step.twist 
_ndb_struct_na_base_pair_step.x_displacement 
_ndb_struct_na_base_pair_step.y_displacement 
_ndb_struct_na_base_pair_step.helical_rise 
_ndb_struct_na_base_pair_step.inclination 
_ndb_struct_na_base_pair_step.tip 
_ndb_struct_na_base_pair_step.helical_twist 
_ndb_struct_na_base_pair_step.step_number 
_ndb_struct_na_base_pair_step.step_name 
_ndb_struct_na_base_pair_step.i_auth_asym_id_1 
_ndb_struct_na_base_pair_step.i_auth_seq_id_1 
_ndb_struct_na_base_pair_step.i_PDB_ins_code_1 
_ndb_struct_na_base_pair_step.j_auth_asym_id_1 
_ndb_struct_na_base_pair_step.j_auth_seq_id_1 
_ndb_struct_na_base_pair_step.j_PDB_ins_code_1 
_ndb_struct_na_base_pair_step.i_auth_asym_id_2 
_ndb_struct_na_base_pair_step.i_auth_seq_id_2 
_ndb_struct_na_base_pair_step.i_PDB_ins_code_2 
_ndb_struct_na_base_pair_step.j_auth_asym_id_2 
_ndb_struct_na_base_pair_step.j_auth_seq_id_2 
_ndb_struct_na_base_pair_step.j_PDB_ins_code_2 
1 A DC 1 1_555 B DG 10 1_555 A DC 2  1_555 B DG 9 1_555 -0.037 1.924  3.464 4.862  -7.564  46.194 3.044  0.452  3.111 -9.534  
-6.129 47.014 1 AA_DC1DC2:DG19DG20_BB  A 1 ? B 20 ? A 2  ? B 19 ? 
1 A DC 2 1_555 B DG 9  1_555 A DC 4  1_555 B DG 7 1_555 0.491  2.687  6.891 -2.259 1.987   73.780 2.104  -0.560 6.936 1.654   
1.881  73.832 2 AA_DC2DC4:DG17DG19_BB  A 2 ? B 19 ? A 4  ? B 17 ? 
1 A DC 4 1_555 B DG 7  1_555 A DT 5  1_555 B DA 6 1_555 -0.774 0.883  3.056 -6.033 7.741   24.269 -0.162 0.064  3.273 17.524  
13.658 26.151 3 AA_DC4DT5:DA16DG17_BB  A 4 ? B 17 ? A 5  ? B 16 ? 
1 A DT 5 1_555 B DA 6  1_555 A DA 6  1_555 B DT 5 1_555 -0.368 2.463  3.371 3.866  -15.361 47.370 3.957  0.696  2.473 -18.524 
-4.662 49.803 4 AA_DT5DA6:DT15DA16_BB  A 5 ? B 16 ? A 6  ? B 15 ? 
1 A DA 6 1_555 B DT 5  1_555 A DG 7  1_555 B DC 4 1_555 0.314  -0.021 2.758 -4.713 7.872   34.347 -0.998 -1.092 2.625 13.043  
7.809  35.516 5 AA_DA6DG7:DC14DT15_BB  A 6 ? B 15 ? A 7  ? B 14 ? 
1 A DG 9 1_555 B DC 2  1_555 A DG 10 1_555 B DC 1 1_555 -0.226 1.630  3.825 -7.526 4.698   39.568 1.721  -0.687 3.961 6.836   
10.951 40.511 6 AA_DG9DG10:DC11DC12_BB A 9 ? B 12 ? A 10 ? B 11 ? 
# 
_pdbx_initial_refinement_model.accession_code   1DCV 
_pdbx_initial_refinement_model.id               1 
_pdbx_initial_refinement_model.entity_id_list   ? 
_pdbx_initial_refinement_model.type             'experimental model' 
_pdbx_initial_refinement_model.source_name      PDB 
_pdbx_initial_refinement_model.details          'NDB ENTRY BD0028' 
# 
_atom_sites.entry_id                    1ZEW 
_atom_sites.fract_transf_matrix[1][1]   -0.00520608 
_atom_sites.fract_transf_matrix[1][2]   0.01103216 
_atom_sites.fract_transf_matrix[1][3]   -0.01407955 
_atom_sites.fract_transf_matrix[2][1]   -0.00480519 
_atom_sites.fract_transf_matrix[2][2]   0.03094920 
_atom_sites.fract_transf_matrix[2][3]   0.02602730 
_atom_sites.fract_transf_matrix[3][1]   0.01905513 
_atom_sites.fract_transf_matrix[3][2]   0.01590818 
_atom_sites.fract_transf_matrix[3][3]   -0.01539852 
_atom_sites.fract_transf_vector[1]      0.482601 
_atom_sites.fract_transf_vector[2]      0.071936 
_atom_sites.fract_transf_vector[3]      0.748579 
# 
loop_
_atom_type.symbol 
C  
N  
NA 
O  
P  
# 
loop_
_atom_site.group_PDB 
_atom_site.id 
_atom_site.type_symbol 
_atom_site.label_atom_id 
_atom_site.label_alt_id 
_atom_site.label_comp_id 
_atom_site.label_asym_id 
_atom_site.label_entity_id 
_atom_site.label_seq_id 
_atom_site.pdbx_PDB_ins_code 
_atom_site.Cartn_x 
_atom_site.Cartn_y 
_atom_site.Cartn_z 
_atom_site.occupancy 
_atom_site.B_iso_or_equiv 
_atom_site.pdbx_formal_charge 
_atom_site.auth_seq_id 
_atom_site.auth_comp_id 
_atom_site.auth_asym_id 
_atom_site.auth_atom_id 
_atom_site.pdbx_PDB_model_num 
ATOM   1   O  "O5'" . DC  A 1 1  ? 15.634  -2.954  4.008   1.00 23.11 ? 1  DC  A "O5'" 1 
ATOM   2   C  "C5'" . DC  A 1 1  ? 16.897  -3.507  3.624   1.00 22.85 ? 1  DC  A "C5'" 1 
ATOM   3   C  "C4'" . DC  A 1 1  ? 16.758  -4.892  3.038   1.00 22.73 ? 1  DC  A "C4'" 1 
ATOM   4   O  "O4'" . DC  A 1 1  ? 16.236  -5.801  4.034   1.00 22.73 ? 1  DC  A "O4'" 1 
ATOM   5   C  "C3'" . DC  A 1 1  ? 15.818  -4.996  1.842   1.00 22.77 ? 1  DC  A "C3'" 1 
ATOM   6   O  "O3'" . DC  A 1 1  ? 16.372  -5.891  0.879   1.00 22.70 ? 1  DC  A "O3'" 1 
ATOM   7   C  "C2'" . DC  A 1 1  ? 14.531  -5.542  2.440   1.00 22.68 ? 1  DC  A "C2'" 1 
ATOM   8   C  "C1'" . DC  A 1 1  ? 15.030  -6.402  3.584   1.00 22.64 ? 1  DC  A "C1'" 1 
ATOM   9   N  N1    . DC  A 1 1  ? 14.124  -6.475  4.738   1.00 22.60 ? 1  DC  A N1    1 
ATOM   10  C  C2    . DC  A 1 1  ? 13.021  -7.339  4.691   1.00 22.57 ? 1  DC  A C2    1 
ATOM   11  O  O2    . DC  A 1 1  ? 12.818  -7.999  3.665   1.00 22.54 ? 1  DC  A O2    1 
ATOM   12  N  N3    . DC  A 1 1  ? 12.206  -7.425  5.769   1.00 22.61 ? 1  DC  A N3    1 
ATOM   13  C  C4    . DC  A 1 1  ? 12.453  -6.686  6.857   1.00 22.62 ? 1  DC  A C4    1 
ATOM   14  N  N4    . DC  A 1 1  ? 11.626  -6.804  7.897   1.00 22.65 ? 1  DC  A N4    1 
ATOM   15  C  C5    . DC  A 1 1  ? 13.562  -5.791  6.925   1.00 22.61 ? 1  DC  A C5    1 
ATOM   16  C  C6    . DC  A 1 1  ? 14.362  -5.717  5.852   1.00 22.64 ? 1  DC  A C6    1 
ATOM   17  P  P     . DC  A 1 2  ? 16.566  -5.393  -0.629  1.00 22.58 ? 2  DC  A P     1 
ATOM   18  O  OP1   . DC  A 1 2  ? 17.473  -6.336  -1.326  1.00 22.54 ? 2  DC  A OP1   1 
ATOM   19  O  OP2   . DC  A 1 2  ? 16.919  -3.948  -0.558  1.00 22.62 ? 2  DC  A OP2   1 
ATOM   20  O  "O5'" . DC  A 1 2  ? 15.100  -5.520  -1.248  1.00 22.60 ? 2  DC  A "O5'" 1 
ATOM   21  C  "C5'" . DC  A 1 2  ? 14.555  -6.793  -1.579  1.00 22.36 ? 2  DC  A "C5'" 1 
ATOM   22  C  "C4'" . DC  A 1 2  ? 13.053  -6.701  -1.736  1.00 22.18 ? 2  DC  A "C4'" 1 
ATOM   23  O  "O4'" . DC  A 1 2  ? 12.431  -6.483  -0.445  1.00 22.02 ? 2  DC  A "O4'" 1 
ATOM   24  C  "C3'" . DC  A 1 2  ? 12.558  -5.569  -2.641  1.00 22.17 ? 2  DC  A "C3'" 1 
ATOM   25  O  "O3'" . DC  A 1 2  ? 11.398  -6.003  -3.355  1.00 22.22 ? 2  DC  A "O3'" 1 
ATOM   26  C  "C2'" . DC  A 1 2  ? 12.136  -4.504  -1.648  1.00 22.18 ? 2  DC  A "C2'" 1 
ATOM   27  C  "C1'" . DC  A 1 2  ? 11.560  -5.361  -0.533  1.00 22.03 ? 2  DC  A "C1'" 1 
ATOM   28  N  N1    . DC  A 1 2  ? 11.485  -4.721  0.794   1.00 21.82 ? 2  DC  A N1    1 
ATOM   29  C  C2    . DC  A 1 2  ? 10.656  -5.288  1.773   1.00 21.71 ? 2  DC  A C2    1 
ATOM   30  O  O2    . DC  A 1 2  ? 9.982   -6.287  1.489   1.00 21.75 ? 2  DC  A O2    1 
ATOM   31  N  N3    . DC  A 1 2  ? 10.605  -4.733  2.999   1.00 21.69 ? 2  DC  A N3    1 
ATOM   32  C  C4    . DC  A 1 2  ? 11.331  -3.651  3.271   1.00 21.70 ? 2  DC  A C4    1 
ATOM   33  N  N4    . DC  A 1 2  ? 11.258  -3.149  4.505   1.00 21.74 ? 2  DC  A N4    1 
ATOM   34  C  C5    . DC  A 1 2  ? 12.168  -3.036  2.290   1.00 21.72 ? 2  DC  A C5    1 
ATOM   35  C  C6    . DC  A 1 2  ? 12.214  -3.599  1.078   1.00 21.75 ? 2  DC  A C6    1 
ATOM   36  P  P     . DT  A 1 3  ? 11.247  -5.693  -4.930  1.00 22.19 ? 3  DT  A P     1 
ATOM   37  O  OP1   . DT  A 1 3  ? 12.506  -6.103  -5.601  1.00 22.18 ? 3  DT  A OP1   1 
ATOM   38  O  OP2   . DT  A 1 3  ? 10.719  -4.321  -5.136  1.00 22.11 ? 3  DT  A OP2   1 
ATOM   39  O  "O5'" . DT  A 1 3  ? 10.116  -6.729  -5.351  1.00 22.05 ? 3  DT  A "O5'" 1 
ATOM   40  C  "C5'" . DT  A 1 3  ? 10.235  -8.091  -4.963  1.00 21.78 ? 3  DT  A "C5'" 1 
ATOM   41  C  "C4'" . DT  A 1 3  ? 9.166   -8.461  -3.961  1.00 21.54 ? 3  DT  A "C4'" 1 
ATOM   42  O  "O4'" . DT  A 1 3  ? 9.267   -7.653  -2.762  1.00 21.69 ? 3  DT  A "O4'" 1 
ATOM   43  C  "C3'" . DT  A 1 3  ? 7.716   -8.343  -4.430  1.00 21.32 ? 3  DT  A "C3'" 1 
ATOM   44  O  "O3'" . DT  A 1 3  ? 7.009   -9.510  -4.013  1.00 20.67 ? 3  DT  A "O3'" 1 
ATOM   45  C  "C2'" . DT  A 1 3  ? 7.189   -7.136  -3.672  1.00 21.49 ? 3  DT  A "C2'" 1 
ATOM   46  C  "C1'" . DT  A 1 3  ? 7.961   -7.250  -2.376  1.00 21.75 ? 3  DT  A "C1'" 1 
ATOM   47  N  N1    . DT  A 1 3  ? 8.071   -6.019  -1.563  1.00 21.85 ? 3  DT  A N1    1 
ATOM   48  C  C2    . DT  A 1 3  ? 7.521   -6.043  -0.300  1.00 21.85 ? 3  DT  A C2    1 
ATOM   49  O  O2    . DT  A 1 3  ? 6.917   -7.006  0.147   1.00 21.94 ? 3  DT  A O2    1 
ATOM   50  N  N3    . DT  A 1 3  ? 7.701   -4.897  0.423   1.00 21.85 ? 3  DT  A N3    1 
ATOM   51  C  C4    . DT  A 1 3  ? 8.353   -3.750  0.020   1.00 21.91 ? 3  DT  A C4    1 
ATOM   52  O  O4    . DT  A 1 3  ? 8.468   -2.810  0.794   1.00 21.92 ? 3  DT  A O4    1 
ATOM   53  C  C5    . DT  A 1 3  ? 8.872   -3.774  -1.327  1.00 21.86 ? 3  DT  A C5    1 
ATOM   54  C  C7    . DT  A 1 3  ? 9.555   -2.556  -1.858  1.00 21.80 ? 3  DT  A C7    1 
ATOM   55  C  C6    . DT  A 1 3  ? 8.711   -4.896  -2.043  1.00 21.88 ? 3  DT  A C6    1 
ATOM   56  P  P     . DC  A 1 4  ? 5.481   -9.710  -4.450  1.00 20.25 ? 4  DC  A P     1 
ATOM   57  O  OP1   . DC  A 1 4  ? 5.131   -11.130 -4.181  1.00 20.37 ? 4  DC  A OP1   1 
ATOM   58  O  OP2   . DC  A 1 4  ? 5.303   -9.158  -5.817  1.00 20.29 ? 4  DC  A OP2   1 
ATOM   59  O  "O5'" . DC  A 1 4  ? 4.669   -8.807  -3.418  1.00 19.74 ? 4  DC  A "O5'" 1 
ATOM   60  C  "C5'" . DC  A 1 4  ? 4.210   -9.352  -2.184  1.00 18.75 ? 4  DC  A "C5'" 1 
ATOM   61  C  "C4'" . DC  A 1 4  ? 2.998   -8.597  -1.690  1.00 18.21 ? 4  DC  A "C4'" 1 
ATOM   62  O  "O4'" . DC  A 1 4  ? 3.389   -7.282  -1.224  1.00 18.13 ? 4  DC  A "O4'" 1 
ATOM   63  C  "C3'" . DC  A 1 4  ? 1.890   -8.366  -2.718  1.00 17.81 ? 4  DC  A "C3'" 1 
ATOM   64  O  "O3'" . DC  A 1 4  ? 0.622   -8.441  -2.046  1.00 17.44 ? 4  DC  A "O3'" 1 
ATOM   65  C  "C2'" . DC  A 1 4  ? 2.152   -6.943  -3.188  1.00 17.72 ? 4  DC  A "C2'" 1 
ATOM   66  C  "C1'" . DC  A 1 4  ? 2.648   -6.284  -1.911  1.00 17.74 ? 4  DC  A "C1'" 1 
ATOM   67  N  N1    . DC  A 1 4  ? 3.528   -5.115  -2.084  1.00 17.47 ? 4  DC  A N1    1 
ATOM   68  C  C2    . DC  A 1 4  ? 3.658   -4.225  -1.018  1.00 17.35 ? 4  DC  A C2    1 
ATOM   69  O  O2    . DC  A 1 4  ? 3.067   -4.477  0.040   1.00 17.33 ? 4  DC  A O2    1 
ATOM   70  N  N3    . DC  A 1 4  ? 4.426   -3.119  -1.163  1.00 17.26 ? 4  DC  A N3    1 
ATOM   71  C  C4    . DC  A 1 4  ? 5.054   -2.895  -2.315  1.00 17.28 ? 4  DC  A C4    1 
ATOM   72  N  N4    . DC  A 1 4  ? 5.784   -1.783  -2.422  1.00 17.23 ? 4  DC  A N4    1 
ATOM   73  C  C5    . DC  A 1 4  ? 4.960   -3.800  -3.412  1.00 17.37 ? 4  DC  A C5    1 
ATOM   74  C  C6    . DC  A 1 4  ? 4.193   -4.889  -3.255  1.00 17.38 ? 4  DC  A C6    1 
ATOM   75  P  P     . DT  A 1 5  ? -0.712  -8.817  -2.871  1.00 16.98 ? 5  DT  A P     1 
ATOM   76  O  OP1   . DT  A 1 5  ? -0.952  -10.268 -2.774  1.00 17.00 ? 5  DT  A OP1   1 
ATOM   77  O  OP2   . DT  A 1 5  ? -0.614  -8.170  -4.214  1.00 17.16 ? 5  DT  A OP2   1 
ATOM   78  O  "O5'" . DT  A 1 5  ? -1.915  -8.176  -2.032  1.00 16.38 ? 5  DT  A "O5'" 1 
ATOM   79  C  "C5'" . DT  A 1 5  ? -1.928  -8.215  -0.596  1.00 15.70 ? 5  DT  A "C5'" 1 
ATOM   80  C  "C4'" . DT  A 1 5  ? -2.245  -6.851  -0.012  1.00 15.14 ? 5  DT  A "C4'" 1 
ATOM   81  O  "O4'" . DT  A 1 5  ? -1.163  -5.904  -0.200  1.00 15.00 ? 5  DT  A "O4'" 1 
ATOM   82  C  "C3'" . DT  A 1 5  ? -3.498  -6.165  -0.560  1.00 14.96 ? 5  DT  A "C3'" 1 
ATOM   83  O  "O3'" . DT  A 1 5  ? -4.191  -5.534  0.512   1.00 14.73 ? 5  DT  A "O3'" 1 
ATOM   84  C  "C2'" . DT  A 1 5  ? -2.945  -5.089  -1.475  1.00 14.83 ? 5  DT  A "C2'" 1 
ATOM   85  C  "C1'" . DT  A 1 5  ? -1.712  -4.691  -0.698  1.00 14.72 ? 5  DT  A "C1'" 1 
ATOM   86  N  N1    . DT  A 1 5  ? -0.662  -3.930  -1.414  1.00 14.47 ? 5  DT  A N1    1 
ATOM   87  C  C2    . DT  A 1 5  ? -0.176  -2.854  -0.731  1.00 14.42 ? 5  DT  A C2    1 
ATOM   88  O  O2    . DT  A 1 5  ? -0.533  -2.579  0.401   1.00 14.40 ? 5  DT  A O2    1 
ATOM   89  N  N3    . DT  A 1 5  ? 0.746   -2.108  -1.415  1.00 14.34 ? 5  DT  A N3    1 
ATOM   90  C  C4    . DT  A 1 5  ? 1.232   -2.344  -2.681  1.00 14.25 ? 5  DT  A C4    1 
ATOM   91  O  O4    . DT  A 1 5  ? 2.034   -1.568  -3.178  1.00 14.29 ? 5  DT  A O4    1 
ATOM   92  C  C5    . DT  A 1 5  ? 0.719   -3.519  -3.329  1.00 14.26 ? 5  DT  A C5    1 
ATOM   93  C  C7    . DT  A 1 5  ? 1.241   -3.879  -4.684  1.00 14.36 ? 5  DT  A C7    1 
ATOM   94  C  C6    . DT  A 1 5  ? -0.200  -4.242  -2.678  1.00 14.36 ? 5  DT  A C6    1 
ATOM   95  P  P     . DA  A 1 6  ? -5.430  -6.283  1.191   1.00 14.39 ? 6  DA  A P     1 
ATOM   96  O  OP1   . DA  A 1 6  ? -4.926  -7.606  1.647   1.00 14.59 ? 6  DA  A OP1   1 
ATOM   97  O  OP2   . DA  A 1 6  ? -6.585  -6.216  0.271   1.00 14.50 ? 6  DA  A OP2   1 
ATOM   98  O  "O5'" . DA  A 1 6  ? -5.743  -5.406  2.483   1.00 14.26 ? 6  DA  A "O5'" 1 
ATOM   99  C  "C5'" . DA  A 1 6  ? -5.077  -5.661  3.720   1.00 13.92 ? 6  DA  A "C5'" 1 
ATOM   100 C  "C4'" . DA  A 1 6  ? -4.867  -4.367  4.468   1.00 13.63 ? 6  DA  A "C4'" 1 
ATOM   101 O  "O4'" . DA  A 1 6  ? -4.025  -3.511  3.666   1.00 13.71 ? 6  DA  A "O4'" 1 
ATOM   102 C  "C3'" . DA  A 1 6  ? -6.153  -3.581  4.697   1.00 13.56 ? 6  DA  A "C3'" 1 
ATOM   103 O  "O3'" . DA  A 1 6  ? -6.073  -2.842  5.920   1.00 13.33 ? 6  DA  A "O3'" 1 
ATOM   104 C  "C2'" . DA  A 1 6  ? -6.218  -2.662  3.490   1.00 13.58 ? 6  DA  A "C2'" 1 
ATOM   105 C  "C1'" . DA  A 1 6  ? -4.752  -2.377  3.210   1.00 13.70 ? 6  DA  A "C1'" 1 
ATOM   106 N  N9    . DA  A 1 6  ? -4.432  -2.189  1.793   1.00 13.75 ? 6  DA  A N9    1 
ATOM   107 C  C8    . DA  A 1 6  ? -4.959  -2.862  0.719   1.00 13.76 ? 6  DA  A C8    1 
ATOM   108 N  N7    . DA  A 1 6  ? -4.471  -2.478  -0.436  1.00 13.72 ? 6  DA  A N7    1 
ATOM   109 C  C5    . DA  A 1 6  ? -3.564  -1.483  -0.100  1.00 13.67 ? 6  DA  A C5    1 
ATOM   110 C  C6    . DA  A 1 6  ? -2.713  -0.677  -0.880  1.00 13.62 ? 6  DA  A C6    1 
ATOM   111 N  N6    . DA  A 1 6  ? -2.644  -0.746  -2.210  1.00 13.62 ? 6  DA  A N6    1 
ATOM   112 N  N1    . DA  A 1 6  ? -1.927  0.213   -0.236  1.00 13.60 ? 6  DA  A N1    1 
ATOM   113 C  C2    . DA  A 1 6  ? -2.005  0.281   1.099   1.00 13.65 ? 6  DA  A C2    1 
ATOM   114 N  N3    . DA  A 1 6  ? -2.768  -0.420  1.941   1.00 13.59 ? 6  DA  A N3    1 
ATOM   115 C  C4    . DA  A 1 6  ? -3.531  -1.295  1.269   1.00 13.65 ? 6  DA  A C4    1 
ATOM   116 P  P     . DG  A 1 7  ? -7.289  -1.882  6.345   1.00 13.21 ? 7  DG  A P     1 
ATOM   117 O  OP1   . DG  A 1 7  ? -7.154  -1.549  7.778   1.00 13.07 ? 7  DG  A OP1   1 
ATOM   118 O  OP2   . DG  A 1 7  ? -8.541  -2.516  5.848   1.00 13.18 ? 7  DG  A OP2   1 
ATOM   119 O  "O5'" . DG  A 1 7  ? -7.003  -0.543  5.527   1.00 13.34 ? 7  DG  A "O5'" 1 
ATOM   120 C  "C5'" . DG  A 1 7  ? -5.946  0.327   5.932   1.00 13.74 ? 7  DG  A "C5'" 1 
ATOM   121 C  "C4'" . DG  A 1 7  ? -5.994  1.620   5.154   1.00 14.13 ? 7  DG  A "C4'" 1 
ATOM   122 O  "O4'" . DG  A 1 7  ? -5.618  1.397   3.769   1.00 14.05 ? 7  DG  A "O4'" 1 
ATOM   123 C  "C3'" . DG  A 1 7  ? -7.367  2.295   5.114   1.00 14.41 ? 7  DG  A "C3'" 1 
ATOM   124 O  "O3'" . DG  A 1 7  ? -7.189  3.708   5.165   1.00 15.13 ? 7  DG  A "O3'" 1 
ATOM   125 C  "C2'" . DG  A 1 7  ? -7.881  1.933   3.735   1.00 14.23 ? 7  DG  A "C2'" 1 
ATOM   126 C  "C1'" . DG  A 1 7  ? -6.596  1.998   2.941   1.00 13.92 ? 7  DG  A "C1'" 1 
ATOM   127 N  N9    . DG  A 1 7  ? -6.606  1.306   1.663   1.00 13.78 ? 7  DG  A N9    1 
ATOM   128 C  C8    . DG  A 1 7  ? -7.365  0.222   1.295   1.00 13.82 ? 7  DG  A C8    1 
ATOM   129 N  N7    . DG  A 1 7  ? -7.153  -0.156  0.063   1.00 13.83 ? 7  DG  A N7    1 
ATOM   130 C  C5    . DG  A 1 7  ? -6.192  0.734   -0.406  1.00 13.72 ? 7  DG  A C5    1 
ATOM   131 C  C6    . DG  A 1 7  ? -5.563  0.829   -1.675  1.00 13.65 ? 7  DG  A C6    1 
ATOM   132 O  O6    . DG  A 1 7  ? -5.734  0.126   -2.673  1.00 13.59 ? 7  DG  A O6    1 
ATOM   133 N  N1    . DG  A 1 7  ? -4.649  1.875   -1.712  1.00 13.59 ? 7  DG  A N1    1 
ATOM   134 C  C2    . DG  A 1 7  ? -4.375  2.721   -0.668  1.00 13.58 ? 7  DG  A C2    1 
ATOM   135 N  N2    . DG  A 1 7  ? -3.448  3.664   -0.890  1.00 13.60 ? 7  DG  A N2    1 
ATOM   136 N  N3    . DG  A 1 7  ? -4.958  2.648   0.511   1.00 13.62 ? 7  DG  A N3    1 
ATOM   137 C  C4    . DG  A 1 7  ? -5.848  1.636   0.573   1.00 13.75 ? 7  DG  A C4    1 
ATOM   138 P  P     . DA  A 1 8  ? -7.955  4.567   6.275   1.00 15.67 ? 8  DA  A P     1 
ATOM   139 O  OP1   . DA  A 1 8  ? -7.472  4.132   7.611   1.00 15.73 ? 8  DA  A OP1   1 
ATOM   140 O  OP2   . DA  A 1 8  ? -9.404  4.533   5.970   1.00 15.66 ? 8  DA  A OP2   1 
ATOM   141 O  "O5'" . DA  A 1 8  ? -7.426  6.045   6.033   1.00 16.14 ? 8  DA  A "O5'" 1 
ATOM   142 C  "C5'" . DA  A 1 8  ? -6.035  6.328   6.022   1.00 16.89 ? 8  DA  A "C5'" 1 
ATOM   143 C  "C4'" . DA  A 1 8  ? -5.710  7.219   4.851   1.00 17.50 ? 8  DA  A "C4'" 1 
ATOM   144 O  "O4'" . DA  A 1 8  ? -5.793  6.470   3.617   1.00 17.58 ? 8  DA  A "O4'" 1 
ATOM   145 C  "C3'" . DA  A 1 8  ? -6.685  8.387   4.697   1.00 18.09 ? 8  DA  A "C3'" 1 
ATOM   146 O  "O3'" . DA  A 1 8  ? -5.973  9.525   4.230   1.00 18.81 ? 8  DA  A "O3'" 1 
ATOM   147 C  "C2'" . DA  A 1 8  ? -7.626  7.913   3.608   1.00 17.88 ? 8  DA  A "C2'" 1 
ATOM   148 C  "C1'" . DA  A 1 8  ? -6.669  7.142   2.723   1.00 17.75 ? 8  DA  A "C1'" 1 
ATOM   149 N  N9    . DA  A 1 8  ? -7.297  6.143   1.863   1.00 17.65 ? 8  DA  A N9    1 
ATOM   150 C  C8    . DA  A 1 8  ? -8.406  5.377   2.118   1.00 17.68 ? 8  DA  A C8    1 
ATOM   151 N  N7    . DA  A 1 8  ? -8.718  4.559   1.142   1.00 17.71 ? 8  DA  A N7    1 
ATOM   152 C  C5    . DA  A 1 8  ? -7.744  4.802   0.180   1.00 17.71 ? 8  DA  A C5    1 
ATOM   153 C  C6    . DA  A 1 8  ? -7.508  4.245   -1.090  1.00 17.69 ? 8  DA  A C6    1 
ATOM   154 N  N6    . DA  A 1 8  ? -8.246  3.268   -1.621  1.00 17.73 ? 8  DA  A N6    1 
ATOM   155 N  N1    . DA  A 1 8  ? -6.465  4.724   -1.800  1.00 17.70 ? 8  DA  A N1    1 
ATOM   156 C  C2    . DA  A 1 8  ? -5.707  5.684   -1.256  1.00 17.73 ? 8  DA  A C2    1 
ATOM   157 N  N3    . DA  A 1 8  ? -5.817  6.275   -0.067  1.00 17.71 ? 8  DA  A N3    1 
ATOM   158 C  C4    . DA  A 1 8  ? -6.870  5.782   0.609   1.00 17.67 ? 8  DA  A C4    1 
ATOM   159 P  P     . DG  A 1 9  ? -6.507  10.996  4.569   1.00 19.15 ? 9  DG  A P     1 
ATOM   160 O  OP1   . DG  A 1 9  ? -5.990  11.359  5.911   1.00 19.08 ? 9  DG  A OP1   1 
ATOM   161 O  OP2   . DG  A 1 9  ? -7.966  11.038  4.310   1.00 19.26 ? 9  DG  A OP2   1 
ATOM   162 O  "O5'" . DG  A 1 9  ? -5.748  11.863  3.474   1.00 19.37 ? 9  DG  A "O5'" 1 
ATOM   163 C  "C5'" . DG  A 1 9  ? -4.448  11.459  3.021   1.00 19.66 ? 9  DG  A "C5'" 1 
ATOM   164 C  "C4'" . DG  A 1 9  ? -4.383  11.508  1.512   1.00 19.82 ? 9  DG  A "C4'" 1 
ATOM   165 O  "O4'" . DG  A 1 9  ? -5.201  10.456  0.935   1.00 19.82 ? 9  DG  A "O4'" 1 
ATOM   166 C  "C3'" . DG  A 1 9  ? -4.912  12.820  0.942   1.00 19.93 ? 9  DG  A "C3'" 1 
ATOM   167 O  "O3'" . DG  A 1 9  ? -4.150  13.191  -0.208  1.00 20.26 ? 9  DG  A "O3'" 1 
ATOM   168 C  "C2'" . DG  A 1 9  ? -6.340  12.478  0.559   1.00 19.83 ? 9  DG  A "C2'" 1 
ATOM   169 C  "C1'" . DG  A 1 9  ? -6.226  11.023  0.121   1.00 19.70 ? 9  DG  A "C1'" 1 
ATOM   170 N  N9    . DG  A 1 9  ? -7.444  10.238  0.306   1.00 19.42 ? 9  DG  A N9    1 
ATOM   171 C  C8    . DG  A 1 9  ? -8.295  10.271  1.386   1.00 19.37 ? 9  DG  A C8    1 
ATOM   172 N  N7    . DG  A 1 9  ? -9.298  9.443   1.276   1.00 19.31 ? 9  DG  A N7    1 
ATOM   173 C  C5    . DG  A 1 9  ? -9.103  8.823   0.047   1.00 19.27 ? 9  DG  A C5    1 
ATOM   174 C  C6    . DG  A 1 9  ? -9.870  7.817   -0.620  1.00 19.24 ? 9  DG  A C6    1 
ATOM   175 O  O6    . DG  A 1 9  ? -10.898 7.240   -0.239  1.00 19.25 ? 9  DG  A O6    1 
ATOM   176 N  N1    . DG  A 1 9  ? -9.319  7.490   -1.850  1.00 19.18 ? 9  DG  A N1    1 
ATOM   177 C  C2    . DG  A 1 9  ? -8.180  8.037   -2.374  1.00 19.21 ? 9  DG  A C2    1 
ATOM   178 N  N2    . DG  A 1 9  ? -7.812  7.583   -3.577  1.00 19.19 ? 9  DG  A N2    1 
ATOM   179 N  N3    . DG  A 1 9  ? -7.452  8.962   -1.765  1.00 19.29 ? 9  DG  A N3    1 
ATOM   180 C  C4    . DG  A 1 9  ? -7.968  9.308   -0.566  1.00 19.33 ? 9  DG  A C4    1 
ATOM   181 P  P     . DG  A 1 10 ? -4.074  14.736  -0.643  1.00 20.55 ? 10 DG  A P     1 
ATOM   182 O  OP1   . DG  A 1 10 ? -2.631  15.033  -0.849  1.00 20.47 ? 10 DG  A OP1   1 
ATOM   183 O  OP2   . DG  A 1 10 ? -4.862  15.554  0.322   1.00 20.51 ? 10 DG  A OP2   1 
ATOM   184 O  "O5'" . DG  A 1 10 ? -4.780  14.750  -2.074  1.00 20.32 ? 10 DG  A "O5'" 1 
ATOM   185 C  "C5'" . DG  A 1 10 ? -4.139  14.117  -3.181  1.00 20.15 ? 10 DG  A "C5'" 1 
ATOM   186 C  "C4'" . DG  A 1 10 ? -5.105  13.913  -4.324  1.00 20.11 ? 10 DG  A "C4'" 1 
ATOM   187 O  "O4'" . DG  A 1 10 ? -6.172  13.025  -3.919  1.00 20.05 ? 10 DG  A "O4'" 1 
ATOM   188 C  "C3'" . DG  A 1 10 ? -5.785  15.181  -4.827  1.00 20.19 ? 10 DG  A "C3'" 1 
ATOM   189 O  "O3'" . DG  A 1 10 ? -6.108  15.019  -6.209  1.00 20.24 ? 10 DG  A "O3'" 1 
ATOM   190 C  "C2'" . DG  A 1 10 ? -7.094  15.182  -4.065  1.00 20.13 ? 10 DG  A "C2'" 1 
ATOM   191 C  "C1'" . DG  A 1 10 ? -7.420  13.697  -4.005  1.00 19.97 ? 10 DG  A "C1'" 1 
ATOM   192 N  N9    . DG  A 1 10 ? -8.206  13.331  -2.835  1.00 19.83 ? 10 DG  A N9    1 
ATOM   193 C  C8    . DG  A 1 10 ? -8.097  13.863  -1.574  1.00 19.77 ? 10 DG  A C8    1 
ATOM   194 N  N7    . DG  A 1 10 ? -8.952  13.363  -0.730  1.00 19.68 ? 10 DG  A N7    1 
ATOM   195 C  C5    . DG  A 1 10 ? -9.671  12.438  -1.475  1.00 19.62 ? 10 DG  A C5    1 
ATOM   196 C  C6    . DG  A 1 10 ? -10.733 11.600  -1.096  1.00 19.56 ? 10 DG  A C6    1 
ATOM   197 O  O6    . DG  A 1 10 ? -11.289 11.510  0.005   1.00 19.62 ? 10 DG  A O6    1 
ATOM   198 N  N1    . DG  A 1 10 ? -11.160 10.809  -2.157  1.00 19.53 ? 10 DG  A N1    1 
ATOM   199 C  C2    . DG  A 1 10 ? -10.635 10.832  -3.423  1.00 19.47 ? 10 DG  A C2    1 
ATOM   200 N  N2    . DG  A 1 10 ? -11.175 9.982   -4.303  1.00 19.42 ? 10 DG  A N2    1 
ATOM   201 N  N3    . DG  A 1 10 ? -9.650  11.628  -3.794  1.00 19.55 ? 10 DG  A N3    1 
ATOM   202 C  C4    . DG  A 1 10 ? -9.216  12.401  -2.771  1.00 19.67 ? 10 DG  A C4    1 
ATOM   203 O  "O5'" . DC  B 1 1  ? -16.609 3.949   -5.414  1.00 21.90 ? 11 DC  B "O5'" 1 
ATOM   204 C  "C5'" . DC  B 1 1  ? -17.129 4.006   -6.737  1.00 21.76 ? 11 DC  B "C5'" 1 
ATOM   205 C  "C4'" . DC  B 1 1  ? -16.217 4.796   -7.646  1.00 21.84 ? 11 DC  B "C4'" 1 
ATOM   206 O  "O4'" . DC  B 1 1  ? -15.872 6.047   -7.008  1.00 21.80 ? 11 DC  B "O4'" 1 
ATOM   207 C  "C3'" . DC  B 1 1  ? -14.894 4.099   -7.939  1.00 21.83 ? 11 DC  B "C3'" 1 
ATOM   208 O  "O3'" . DC  B 1 1  ? -14.473 4.376   -9.271  1.00 21.93 ? 11 DC  B "O3'" 1 
ATOM   209 C  "C2'" . DC  B 1 1  ? -13.941 4.706   -6.928  1.00 21.74 ? 11 DC  B "C2'" 1 
ATOM   210 C  "C1'" . DC  B 1 1  ? -14.478 6.116   -6.751  1.00 21.60 ? 11 DC  B "C1'" 1 
ATOM   211 N  N1    . DC  B 1 1  ? -14.306 6.611   -5.377  1.00 21.42 ? 11 DC  B N1    1 
ATOM   212 C  C2    . DC  B 1 1  ? -13.454 7.687   -5.143  1.00 21.28 ? 11 DC  B C2    1 
ATOM   213 O  O2    . DC  B 1 1  ? -12.858 8.201   -6.101  1.00 21.27 ? 11 DC  B O2    1 
ATOM   214 N  N3    . DC  B 1 1  ? -13.293 8.135   -3.879  1.00 21.24 ? 11 DC  B N3    1 
ATOM   215 C  C4    . DC  B 1 1  ? -13.938 7.538   -2.874  1.00 21.23 ? 11 DC  B C4    1 
ATOM   216 N  N4    . DC  B 1 1  ? -13.737 8.000   -1.638  1.00 21.29 ? 11 DC  B N4    1 
ATOM   217 C  C5    . DC  B 1 1  ? -14.815 6.442   -3.088  1.00 21.24 ? 11 DC  B C5    1 
ATOM   218 C  C6    . DC  B 1 1  ? -14.971 6.018   -4.341  1.00 21.30 ? 11 DC  B C6    1 
ATOM   219 P  P     . DC  B 1 2  ? -14.356 3.172   -10.332 1.00 22.30 ? 12 DC  B P     1 
ATOM   220 O  OP1   . DC  B 1 2  ? -13.906 3.766   -11.627 1.00 22.20 ? 12 DC  B OP1   1 
ATOM   221 O  OP2   . DC  B 1 2  ? -15.620 2.381   -10.284 1.00 22.15 ? 12 DC  B OP2   1 
ATOM   222 O  "O5'" . DC  B 1 2  ? -13.170 2.265   -9.773  1.00 22.19 ? 12 DC  B "O5'" 1 
ATOM   223 C  "C5'" . DC  B 1 2  ? -12.461 2.651   -8.602  1.00 22.36 ? 12 DC  B "C5'" 1 
ATOM   224 C  "C4'" . DC  B 1 2  ? -11.339 3.601   -8.952  1.00 22.33 ? 12 DC  B "C4'" 1 
ATOM   225 O  "O4'" . DC  B 1 2  ? -11.093 4.472   -7.829  1.00 22.17 ? 12 DC  B "O4'" 1 
ATOM   226 C  "C3'" . DC  B 1 2  ? -10.012 2.915   -9.247  1.00 22.49 ? 12 DC  B "C3'" 1 
ATOM   227 O  "O3'" . DC  B 1 2  ? -9.247  3.682   -10.180 1.00 22.73 ? 12 DC  B "O3'" 1 
ATOM   228 C  "C2'" . DC  B 1 2  ? -9.341  2.879   -7.889  1.00 22.31 ? 12 DC  B "C2'" 1 
ATOM   229 C  "C1'" . DC  B 1 2  ? -9.872  4.127   -7.191  1.00 22.23 ? 12 DC  B "C1'" 1 
ATOM   230 N  N1    . DC  B 1 2  ? -10.176 3.926   -5.762  1.00 22.12 ? 12 DC  B N1    1 
ATOM   231 C  C2    . DC  B 1 2  ? -9.842  4.937   -4.848  1.00 22.04 ? 12 DC  B C2    1 
ATOM   232 O  O2    . DC  B 1 2  ? -9.237  5.941   -5.254  1.00 21.93 ? 12 DC  B O2    1 
ATOM   233 N  N3    . DC  B 1 2  ? -10.177 4.785   -3.551  1.00 21.99 ? 12 DC  B N3    1 
ATOM   234 C  C4    . DC  B 1 2  ? -10.796 3.675   -3.147  1.00 22.02 ? 12 DC  B C4    1 
ATOM   235 N  N4    . DC  B 1 2  ? -11.113 3.577   -1.855  1.00 22.12 ? 12 DC  B N4    1 
ATOM   236 C  C5    . DC  B 1 2  ? -11.117 2.616   -4.046  1.00 21.98 ? 12 DC  B C5    1 
ATOM   237 C  C6    . DC  B 1 2  ? -10.794 2.783   -5.332  1.00 21.97 ? 12 DC  B C6    1 
ATOM   238 P  P     . DT  B 1 3  ? -8.383  2.937   -11.309 1.00 22.92 ? 13 DT  B P     1 
ATOM   239 O  OP1   . DT  B 1 3  ? -8.973  3.327   -12.621 1.00 23.03 ? 13 DT  B OP1   1 
ATOM   240 O  OP2   . DT  B 1 3  ? -8.255  1.494   -10.964 1.00 22.84 ? 13 DT  B OP2   1 
ATOM   241 O  "O5'" . DT  B 1 3  ? -6.961  3.642   -11.182 1.00 22.93 ? 13 DT  B "O5'" 1 
ATOM   242 C  "C5'" . DT  B 1 3  ? -6.869  5.058   -11.237 1.00 22.90 ? 13 DT  B "C5'" 1 
ATOM   243 C  "C4'" . DT  B 1 3  ? -5.925  5.578   -10.179 1.00 23.03 ? 13 DT  B "C4'" 1 
ATOM   244 O  "O4'" . DT  B 1 3  ? -6.338  5.122   -8.867  1.00 23.11 ? 13 DT  B "O4'" 1 
ATOM   245 C  "C3'" . DT  B 1 3  ? -4.453  5.185   -10.315 1.00 23.11 ? 13 DT  B "C3'" 1 
ATOM   246 O  "O3'" . DT  B 1 3  ? -3.666  6.335   -9.996  1.00 23.02 ? 13 DT  B "O3'" 1 
ATOM   247 C  "C2'" . DT  B 1 3  ? -4.276  4.105   -9.258  1.00 23.14 ? 13 DT  B "C2'" 1 
ATOM   248 C  "C1'" . DT  B 1 3  ? -5.212  4.604   -8.176  1.00 23.14 ? 13 DT  B "C1'" 1 
ATOM   249 N  N1    . DT  B 1 3  ? -5.692  3.626   -7.170  1.00 23.18 ? 13 DT  B N1    1 
ATOM   250 C  C2    . DT  B 1 3  ? -5.665  4.015   -5.849  1.00 23.18 ? 13 DT  B C2    1 
ATOM   251 O  O2    . DT  B 1 3  ? -5.202  5.082   -5.477  1.00 23.16 ? 13 DT  B O2    1 
ATOM   252 N  N3    . DT  B 1 3  ? -6.203  3.103   -4.971  1.00 23.20 ? 13 DT  B N3    1 
ATOM   253 C  C4    . DT  B 1 3  ? -6.747  1.871   -5.274  1.00 23.18 ? 13 DT  B C4    1 
ATOM   254 O  O4    . DT  B 1 3  ? -7.234  1.180   -4.379  1.00 23.14 ? 13 DT  B O4    1 
ATOM   255 C  C5    . DT  B 1 3  ? -6.705  1.508   -6.673  1.00 23.18 ? 13 DT  B C5    1 
ATOM   256 C  C7    . DT  B 1 3  ? -7.257  0.182   -7.096  1.00 23.10 ? 13 DT  B C7    1 
ATOM   257 C  C6    . DT  B 1 3  ? -6.177  2.389   -7.538  1.00 23.15 ? 13 DT  B C6    1 
ATOM   258 P  P     . DC  B 1 4  ? -2.067  6.278   -10.120 1.00 23.11 ? 14 DC  B P     1 
ATOM   259 O  OP1   . DC  B 1 4  ? -1.649  7.498   -10.852 1.00 23.16 ? 14 DC  B OP1   1 
ATOM   260 O  OP2   . DC  B 1 4  ? -1.631  4.939   -10.604 1.00 23.23 ? 14 DC  B OP2   1 
ATOM   261 O  "O5'" . DC  B 1 4  ? -1.575  6.469   -8.619  1.00 23.03 ? 14 DC  B "O5'" 1 
ATOM   262 C  "C5'" . DC  B 1 4  ? -1.781  7.714   -7.944  1.00 22.75 ? 14 DC  B "C5'" 1 
ATOM   263 C  "C4'" . DC  B 1 4  ? -1.083  7.693   -6.606  1.00 22.52 ? 14 DC  B "C4'" 1 
ATOM   264 O  "O4'" . DC  B 1 4  ? -1.735  6.752   -5.718  1.00 22.59 ? 14 DC  B "O4'" 1 
ATOM   265 C  "C3'" . DC  B 1 4  ? 0.362   7.226   -6.716  1.00 22.43 ? 14 DC  B "C3'" 1 
ATOM   266 O  "O3'" . DC  B 1 4  ? 1.165   7.913   -5.757  1.00 22.19 ? 14 DC  B "O3'" 1 
ATOM   267 C  "C2'" . DC  B 1 4  ? 0.271   5.744   -6.396  1.00 22.49 ? 14 DC  B "C2'" 1 
ATOM   268 C  "C1'" . DC  B 1 4  ? -0.828  5.718   -5.352  1.00 22.57 ? 14 DC  B "C1'" 1 
ATOM   269 N  N1    . DC  B 1 4  ? -1.583  4.454   -5.274  1.00 22.62 ? 14 DC  B N1    1 
ATOM   270 C  C2    . DC  B 1 4  ? -2.044  4.029   -4.025  1.00 22.59 ? 14 DC  B C2    1 
ATOM   271 O  O2    . DC  B 1 4  ? -1.801  4.721   -3.030  1.00 22.61 ? 14 DC  B O2    1 
ATOM   272 N  N3    . DC  B 1 4  ? -2.742  2.875   -3.935  1.00 22.60 ? 14 DC  B N3    1 
ATOM   273 C  C4    . DC  B 1 4  ? -2.985  2.154   -5.033  1.00 22.63 ? 14 DC  B C4    1 
ATOM   274 N  N4    . DC  B 1 4  ? -3.679  1.024   -4.895  1.00 22.61 ? 14 DC  B N4    1 
ATOM   275 C  C5    . DC  B 1 4  ? -2.525  2.561   -6.317  1.00 22.62 ? 14 DC  B C5    1 
ATOM   276 C  C6    . DC  B 1 4  ? -1.832  3.707   -6.392  1.00 22.62 ? 14 DC  B C6    1 
ATOM   277 P  P     . DT  B 1 5  ? 2.611   7.336   -5.397  1.00 22.08 ? 15 DT  B P     1 
ATOM   278 O  OP1   . DT  B 1 5  ? 3.525   8.469   -5.117  1.00 22.15 ? 15 DT  B OP1   1 
ATOM   279 O  OP2   . DT  B 1 5  ? 2.953   6.358   -6.462  1.00 22.15 ? 15 DT  B OP2   1 
ATOM   280 O  "O5'" . DT  B 1 5  ? 2.363   6.530   -4.049  1.00 22.07 ? 15 DT  B "O5'" 1 
ATOM   281 C  "C5'" . DT  B 1 5  ? 1.878   7.191   -2.884  1.00 21.57 ? 15 DT  B "C5'" 1 
ATOM   282 C  "C4'" . DT  B 1 5  ? 2.000   6.282   -1.685  1.00 21.25 ? 15 DT  B "C4'" 1 
ATOM   283 O  "O4'" . DT  B 1 5  ? 1.050   5.195   -1.805  1.00 21.31 ? 15 DT  B "O4'" 1 
ATOM   284 C  "C3'" . DT  B 1 5  ? 3.376   5.634   -1.507  1.00 21.06 ? 15 DT  B "C3'" 1 
ATOM   285 O  "O3'" . DT  B 1 5  ? 3.737   5.625   -0.122  1.00 20.64 ? 15 DT  B "O3'" 1 
ATOM   286 C  "C2'" . DT  B 1 5  ? 3.157   4.208   -1.987  1.00 21.17 ? 15 DT  B "C2'" 1 
ATOM   287 C  "C1'" . DT  B 1 5  ? 1.709   3.957   -1.591  1.00 21.28 ? 15 DT  B "C1'" 1 
ATOM   288 N  N1    . DT  B 1 5  ? 1.010   2.927   -2.392  1.00 21.44 ? 15 DT  B N1    1 
ATOM   289 C  C2    . DT  B 1 5  ? 0.018   2.170   -1.791  1.00 21.46 ? 15 DT  B C2    1 
ATOM   290 O  O2    . DT  B 1 5  ? -0.320  2.302   -0.627  1.00 21.44 ? 15 DT  B O2    1 
ATOM   291 N  N3    . DT  B 1 5  ? -0.573  1.246   -2.616  1.00 21.52 ? 15 DT  B N3    1 
ATOM   292 C  C4    . DT  B 1 5  ? -0.283  1.006   -3.945  1.00 21.57 ? 15 DT  B C4    1 
ATOM   293 O  O4    . DT  B 1 5  ? -0.905  0.143   -4.561  1.00 21.70 ? 15 DT  B O4    1 
ATOM   294 C  C5    . DT  B 1 5  ? 0.765   1.830   -4.506  1.00 21.56 ? 15 DT  B C5    1 
ATOM   295 C  C7    . DT  B 1 5  ? 1.152   1.637   -5.940  1.00 21.59 ? 15 DT  B C7    1 
ATOM   296 C  C6    . DT  B 1 5  ? 1.349   2.735   -3.711  1.00 21.47 ? 15 DT  B C6    1 
ATOM   297 P  P     . DA  B 1 6  ? 4.421   6.922   0.533   1.00 20.23 ? 16 DA  B P     1 
ATOM   298 O  OP1   . DA  B 1 6  ? 3.535   8.063   0.172   1.00 20.47 ? 16 DA  B OP1   1 
ATOM   299 O  OP2   . DA  B 1 6  ? 5.860   6.975   0.188   1.00 20.25 ? 16 DA  B OP2   1 
ATOM   300 O  "O5'" . DA  B 1 6  ? 4.293   6.667   2.097   1.00 19.88 ? 16 DA  B "O5'" 1 
ATOM   301 C  "C5'" . DA  B 1 6  ? 3.066   6.917   2.777   1.00 19.37 ? 16 DA  B "C5'" 1 
ATOM   302 C  "C4'" . DA  B 1 6  ? 2.712   5.749   3.672   1.00 19.06 ? 16 DA  B "C4'" 1 
ATOM   303 O  "O4'" . DA  B 1 6  ? 2.380   4.591   2.868   1.00 18.96 ? 16 DA  B "O4'" 1 
ATOM   304 C  "C3'" . DA  B 1 6  ? 3.806   5.296   4.640   1.00 18.89 ? 16 DA  B "C3'" 1 
ATOM   305 O  "O3'" . DA  B 1 6  ? 3.206   4.885   5.873   1.00 18.72 ? 16 DA  B "O3'" 1 
ATOM   306 C  "C2'" . DA  B 1 6  ? 4.421   4.100   3.937   1.00 18.76 ? 16 DA  B "C2'" 1 
ATOM   307 C  "C1'" . DA  B 1 6  ? 3.232   3.497   3.200   1.00 18.81 ? 16 DA  B "C1'" 1 
ATOM   308 N  N9    . DA  B 1 6  ? 3.575   2.810   1.952   1.00 18.65 ? 16 DA  B N9    1 
ATOM   309 C  C8    . DA  B 1 6  ? 4.585   3.139   1.082   1.00 18.63 ? 16 DA  B C8    1 
ATOM   310 N  N7    . DA  B 1 6  ? 4.635   2.378   0.017   1.00 18.60 ? 16 DA  B N7    1 
ATOM   311 C  C5    . DA  B 1 6  ? 3.592   1.479   0.201   1.00 18.56 ? 16 DA  B C5    1 
ATOM   312 C  C6    . DA  B 1 6  ? 3.110   0.411   -0.586  1.00 18.57 ? 16 DA  B C6    1 
ATOM   313 N  N6    . DA  B 1 6  ? 3.629   0.071   -1.771  1.00 18.48 ? 16 DA  B N6    1 
ATOM   314 N  N1    . DA  B 1 6  ? 2.061   -0.298  -0.111  1.00 18.45 ? 16 DA  B N1    1 
ATOM   315 C  C2    . DA  B 1 6  ? 1.538   0.050   1.069   1.00 18.49 ? 16 DA  B C2    1 
ATOM   316 N  N3    . DA  B 1 6  ? 1.898   1.036   1.896   1.00 18.53 ? 16 DA  B N3    1 
ATOM   317 C  C4    . DA  B 1 6  ? 2.941   1.722   1.397   1.00 18.56 ? 16 DA  B C4    1 
ATOM   318 P  P     . DG  B 1 7  ? 4.094   4.796   7.210   1.00 18.72 ? 17 DG  B P     1 
ATOM   319 O  OP1   . DG  B 1 7  ? 3.400   3.835   8.113   1.00 18.73 ? 17 DG  B OP1   1 
ATOM   320 O  OP2   . DG  B 1 7  ? 4.381   6.168   7.698   1.00 18.71 ? 17 DG  B OP2   1 
ATOM   321 O  "O5'" . DG  B 1 7  ? 5.445   4.101   6.729   1.00 18.48 ? 17 DG  B "O5'" 1 
ATOM   322 C  "C5'" . DG  B 1 7  ? 6.035   3.046   7.497   1.00 18.22 ? 17 DG  B "C5'" 1 
ATOM   323 C  "C4'" . DG  B 1 7  ? 5.077   1.879   7.596   1.00 17.93 ? 17 DG  B "C4'" 1 
ATOM   324 O  "O4'" . DG  B 1 7  ? 4.650   1.478   6.277   1.00 17.85 ? 17 DG  B "O4'" 1 
ATOM   325 C  "C3'" . DG  B 1 7  ? 5.633   0.618   8.239   1.00 17.80 ? 17 DG  B "C3'" 1 
ATOM   326 O  "O3'" . DG  B 1 7  ? 4.537   -0.090  8.819   1.00 17.83 ? 17 DG  B "O3'" 1 
ATOM   327 C  "C2'" . DG  B 1 7  ? 6.175   -0.145  7.046   1.00 17.63 ? 17 DG  B "C2'" 1 
ATOM   328 C  "C1'" . DG  B 1 7  ? 5.147   0.183   5.973   1.00 17.48 ? 17 DG  B "C1'" 1 
ATOM   329 N  N9    . DG  B 1 7  ? 5.677   0.243   4.622   1.00 17.17 ? 17 DG  B N9    1 
ATOM   330 C  C8    . DG  B 1 7  ? 6.715   1.022   4.178   1.00 17.09 ? 17 DG  B C8    1 
ATOM   331 N  N7    . DG  B 1 7  ? 6.946   0.887   2.902   1.00 17.04 ? 17 DG  B N7    1 
ATOM   332 C  C5    . DG  B 1 7  ? 6.007   -0.044  2.481   1.00 17.02 ? 17 DG  B C5    1 
ATOM   333 C  C6    . DG  B 1 7  ? 5.775   -0.592  1.200   1.00 16.94 ? 17 DG  B C6    1 
ATOM   334 O  O6    . DG  B 1 7  ? 6.360   -0.353  0.143   1.00 16.98 ? 17 DG  B O6    1 
ATOM   335 N  N1    . DG  B 1 7  ? 4.729   -1.507  1.218   1.00 16.94 ? 17 DG  B N1    1 
ATOM   336 C  C2    . DG  B 1 7  ? 4.000   -1.847  2.327   1.00 16.97 ? 17 DG  B C2    1 
ATOM   337 N  N2    . DG  B 1 7  ? 3.030   -2.751  2.141   1.00 16.93 ? 17 DG  B N2    1 
ATOM   338 N  N3    . DG  B 1 7  ? 4.206   -1.339  3.529   1.00 17.03 ? 17 DG  B N3    1 
ATOM   339 C  C4    . DG  B 1 7  ? 5.221   -0.451  3.532   1.00 17.04 ? 17 DG  B C4    1 
ATOM   340 P  P     . DA  B 1 8  ? 4.712   -0.808  10.239  1.00 17.62 ? 18 DA  B P     1 
ATOM   341 O  OP1   . DA  B 1 8  ? 3.977   -0.024  11.253  1.00 17.79 ? 18 DA  B OP1   1 
ATOM   342 O  OP2   . DA  B 1 8  ? 6.157   -1.085  10.432  1.00 17.76 ? 18 DA  B OP2   1 
ATOM   343 O  "O5'" . DA  B 1 8  ? 3.942   -2.186  10.048  1.00 17.71 ? 18 DA  B "O5'" 1 
ATOM   344 C  "C5'" . DA  B 1 8  ? 2.554   -2.209  9.719   1.00 17.54 ? 18 DA  B "C5'" 1 
ATOM   345 C  "C4'" . DA  B 1 8  ? 2.166   -3.584  9.236   1.00 17.35 ? 18 DA  B "C4'" 1 
ATOM   346 O  "O4'" . DA  B 1 8  ? 2.813   -3.827  7.969   1.00 17.26 ? 18 DA  B "O4'" 1 
ATOM   347 C  "C3'" . DA  B 1 8  ? 2.628   -4.699  10.166  1.00 17.43 ? 18 DA  B "C3'" 1 
ATOM   348 O  "O3'" . DA  B 1 8  ? 1.646   -5.734  10.239  1.00 17.61 ? 18 DA  B "O3'" 1 
ATOM   349 C  "C2'" . DA  B 1 8  ? 3.947   -5.156  9.564   1.00 17.21 ? 18 DA  B "C2'" 1 
ATOM   350 C  "C1'" . DA  B 1 8  ? 3.845   -4.799  8.086   1.00 17.17 ? 18 DA  B "C1'" 1 
ATOM   351 N  N9    . DA  B 1 8  ? 5.066   -4.194  7.539   1.00 17.07 ? 18 DA  B N9    1 
ATOM   352 C  C8    . DA  B 1 8  ? 5.988   -3.445  8.225   1.00 17.01 ? 18 DA  B C8    1 
ATOM   353 N  N7    . DA  B 1 8  ? 6.956   -2.978  7.477   1.00 16.97 ? 18 DA  B N7    1 
ATOM   354 C  C5    . DA  B 1 8  ? 6.660   -3.459  6.210   1.00 16.95 ? 18 DA  B C5    1 
ATOM   355 C  C6    . DA  B 1 8  ? 7.301   -3.302  4.962   1.00 16.86 ? 18 DA  B C6    1 
ATOM   356 N  N6    . DA  B 1 8  ? 8.406   -2.572  4.781   1.00 16.67 ? 18 DA  B N6    1 
ATOM   357 N  N1    . DA  B 1 8  ? 6.757   -3.924  3.894   1.00 16.82 ? 18 DA  B N1    1 
ATOM   358 C  C2    . DA  B 1 8  ? 5.640   -4.641  4.074   1.00 16.92 ? 18 DA  B C2    1 
ATOM   359 N  N3    . DA  B 1 8  ? 4.937   -4.852  5.192   1.00 16.94 ? 18 DA  B N3    1 
ATOM   360 C  C4    . DA  B 1 8  ? 5.508   -4.226  6.236   1.00 16.94 ? 18 DA  B C4    1 
ATOM   361 P  P     . DG  B 1 9  ? 2.024   -7.134  10.926  1.00 17.79 ? 19 DG  B P     1 
ATOM   362 O  OP1   . DG  B 1 9  ? 0.788   -7.957  10.984  1.00 17.88 ? 19 DG  B OP1   1 
ATOM   363 O  OP2   . DG  B 1 9  ? 2.789   -6.872  12.172  1.00 18.01 ? 19 DG  B OP2   1 
ATOM   364 O  "O5'" . DG  B 1 9  ? 3.013   -7.770  9.857   1.00 17.73 ? 19 DG  B "O5'" 1 
ATOM   365 C  "C5'" . DG  B 1 9  ? 3.495   -9.086  9.998   1.00 17.72 ? 19 DG  B "C5'" 1 
ATOM   366 C  "C4'" . DG  B 1 9  ? 3.755   -9.681  8.637   1.00 17.77 ? 19 DG  B "C4'" 1 
ATOM   367 O  "O4'" . DG  B 1 9  ? 4.413   -8.707  7.792   1.00 17.85 ? 19 DG  B "O4'" 1 
ATOM   368 C  "C3'" . DG  B 1 9  ? 4.698   -10.880 8.690   1.00 17.79 ? 19 DG  B "C3'" 1 
ATOM   369 O  "O3'" . DG  B 1 9  ? 4.456   -11.710 7.562   1.00 17.52 ? 19 DG  B "O3'" 1 
ATOM   370 C  "C2'" . DG  B 1 9  ? 6.044   -10.224 8.488   1.00 17.87 ? 19 DG  B "C2'" 1 
ATOM   371 C  "C1'" . DG  B 1 9  ? 5.683   -9.217  7.418   1.00 17.92 ? 19 DG  B "C1'" 1 
ATOM   372 N  N9    . DG  B 1 9  ? 6.612   -8.104  7.323   1.00 17.92 ? 19 DG  B N9    1 
ATOM   373 C  C8    . DG  B 1 9  ? 7.056   -7.299  8.343   1.00 17.96 ? 19 DG  B C8    1 
ATOM   374 N  N7    . DG  B 1 9  ? 7.913   -6.401  7.946   1.00 17.97 ? 19 DG  B N7    1 
ATOM   375 C  C5    . DG  B 1 9  ? 8.038   -6.628  6.582   1.00 17.97 ? 19 DG  B C5    1 
ATOM   376 C  C6    . DG  B 1 9  ? 8.832   -5.973  5.617   1.00 17.96 ? 19 DG  B C6    1 
ATOM   377 O  O6    . DG  B 1 9  ? 9.619   -5.036  5.780   1.00 18.01 ? 19 DG  B O6    1 
ATOM   378 N  N1    . DG  B 1 9  ? 8.643   -6.508  4.351   1.00 17.98 ? 19 DG  B N1    1 
ATOM   379 C  C2    . DG  B 1 9  ? 7.799   -7.550  4.052   1.00 18.10 ? 19 DG  B C2    1 
ATOM   380 N  N2    . DG  B 1 9  ? 7.739   -7.914  2.754   1.00 18.19 ? 19 DG  B N2    1 
ATOM   381 N  N3    . DG  B 1 9  ? 7.067   -8.182  4.948   1.00 17.95 ? 19 DG  B N3    1 
ATOM   382 C  C4    . DG  B 1 9  ? 7.234   -7.669  6.184   1.00 17.94 ? 19 DG  B C4    1 
ATOM   383 P  P     . DG  B 1 10 ? 3.591   -13.044 7.729   1.00 17.56 ? 20 DG  B P     1 
ATOM   384 O  OP1   . DG  B 1 10 ? 2.170   -12.620 7.646   1.00 17.45 ? 20 DG  B OP1   1 
ATOM   385 O  OP2   . DG  B 1 10 ? 4.062   -13.803 8.918   1.00 17.43 ? 20 DG  B OP2   1 
ATOM   386 O  "O5'" . DG  B 1 10 ? 3.952   -13.856 6.411   1.00 17.05 ? 20 DG  B "O5'" 1 
ATOM   387 C  "C5'" . DG  B 1 10 ? 3.632   -13.324 5.129   1.00 16.62 ? 20 DG  B "C5'" 1 
ATOM   388 C  "C4'" . DG  B 1 10 ? 4.804   -13.482 4.191   1.00 16.20 ? 20 DG  B "C4'" 1 
ATOM   389 O  "O4'" . DG  B 1 10 ? 5.857   -12.541 4.518   1.00 15.87 ? 20 DG  B "O4'" 1 
ATOM   390 C  "C3'" . DG  B 1 10 ? 5.464   -14.855 4.238   1.00 16.05 ? 20 DG  B "C3'" 1 
ATOM   391 O  "O3'" . DG  B 1 10 ? 5.957   -15.169 2.941   1.00 16.43 ? 20 DG  B "O3'" 1 
ATOM   392 C  "C2'" . DG  B 1 10 ? 6.564   -14.643 5.260   1.00 15.81 ? 20 DG  B "C2'" 1 
ATOM   393 C  "C1'" . DG  B 1 10 ? 7.033   -13.256 4.869   1.00 15.47 ? 20 DG  B "C1'" 1 
ATOM   394 N  N9    . DG  B 1 10 ? 7.739   -12.500 5.898   1.00 15.05 ? 20 DG  B N9    1 
ATOM   395 C  C8    . DG  B 1 10 ? 7.663   -12.658 7.260   1.00 14.94 ? 20 DG  B C8    1 
ATOM   396 N  N7    . DG  B 1 10 ? 8.447   -11.842 7.915   1.00 14.80 ? 20 DG  B N7    1 
ATOM   397 C  C5    . DG  B 1 10 ? 9.072   -11.095 6.925   1.00 14.70 ? 20 DG  B C5    1 
ATOM   398 C  C6    . DG  B 1 10 ? 10.051  -10.060 7.022   1.00 14.52 ? 20 DG  B C6    1 
ATOM   399 O  O6    . DG  B 1 10 ? 10.577  -9.582  8.030   1.00 14.29 ? 20 DG  B O6    1 
ATOM   400 N  N1    . DG  B 1 10 ? 10.412  -9.585  5.767   1.00 14.50 ? 20 DG  B N1    1 
ATOM   401 C  C2    . DG  B 1 10 ? 9.914   -10.044 4.571   1.00 14.55 ? 20 DG  B C2    1 
ATOM   402 N  N2    . DG  B 1 10 ? 10.402  -9.464  3.463   1.00 14.48 ? 20 DG  B N2    1 
ATOM   403 N  N3    . DG  B 1 10 ? 9.010   -11.004 4.468   1.00 14.62 ? 20 DG  B N3    1 
ATOM   404 C  C4    . DG  B 1 10 ? 8.639   -11.482 5.676   1.00 14.81 ? 20 DG  B C4    1 
HETATM 405 NA NA    . NA  C 2 .  ? 8.789   3.878   -1.447  0.50 1.00  ? 21 NA  B NA    1 
HETATM 406 O  O     . HOH D 3 .  ? -10.183 -4.054  -0.647  0.50 1.00  ? 22 HOH A O     1 
HETATM 407 O  O     . HOH D 3 .  ? 15.624  -3.401  -3.326  1.00 14.05 ? 24 HOH A O     1 
HETATM 408 O  O     . HOH D 3 .  ? -12.317 -2.519  -0.730  1.00 30.03 ? 26 HOH A O     1 
HETATM 409 O  O     . HOH D 3 .  ? -10.458 2.482   10.464  1.00 5.12  ? 27 HOH A O     1 
HETATM 410 O  O     . HOH D 3 .  ? 11.934  -8.331  -7.044  1.00 34.21 ? 28 HOH A O     1 
HETATM 411 O  O     . HOH D 3 .  ? -0.558  -7.407  -6.514  1.00 11.67 ? 32 HOH A O     1 
HETATM 412 O  O     . HOH D 3 .  ? -3.958  -9.837  4.673   1.00 14.19 ? 33 HOH A O     1 
HETATM 413 O  O     . HOH D 3 .  ? -6.546  1.863   8.491   1.00 11.15 ? 34 HOH A O     1 
HETATM 414 O  O     . HOH D 3 .  ? -8.627  5.046   16.066  1.00 15.93 ? 35 HOH A O     1 
HETATM 415 O  O     . HOH D 3 .  ? 16.284  -8.713  0.309   1.00 28.46 ? 36 HOH A O     1 
HETATM 416 O  O     . HOH D 3 .  ? -10.254 -10.478 -1.799  1.00 44.15 ? 37 HOH A O     1 
HETATM 417 O  O     . HOH D 3 .  ? 4.140   -6.822  0.854   1.00 22.16 ? 38 HOH A O     1 
HETATM 418 O  O     . HOH D 3 .  ? -6.909  -3.771  -1.520  1.00 22.14 ? 39 HOH A O     1 
HETATM 419 O  O     . HOH D 3 .  ? 14.319  -10.630 -7.680  1.00 3.74  ? 40 HOH A O     1 
HETATM 420 O  O     . HOH D 3 .  ? 15.066  -9.700  -2.309  1.00 31.47 ? 41 HOH A O     1 
HETATM 421 O  O     . HOH D 3 .  ? -11.838 -8.677  -0.829  1.00 32.91 ? 42 HOH A O     1 
HETATM 422 O  O     . HOH D 3 .  ? 17.832  -7.356  2.036   1.00 8.47  ? 43 HOH A O     1 
HETATM 423 O  O     . HOH D 3 .  ? 8.906   -0.715  1.111   1.00 9.45  ? 44 HOH A O     1 
HETATM 424 O  O     . HOH D 3 .  ? -1.878  0.598   3.970   1.00 14.64 ? 47 HOH A O     1 
HETATM 425 O  O     . HOH D 3 .  ? -9.010  15.928  0.153   1.00 4.04  ? 50 HOH A O     1 
HETATM 426 O  O     . HOH D 3 .  ? -5.768  9.948   -3.027  1.00 7.30  ? 51 HOH A O     1 
HETATM 427 O  O     . HOH D 3 .  ? -1.292  13.109  -0.122  1.00 34.41 ? 53 HOH A O     1 
HETATM 428 O  O     . HOH D 3 .  ? -3.310  7.777   -0.269  1.00 9.83  ? 54 HOH A O     1 
HETATM 429 O  O     . HOH D 3 .  ? -11.179 2.985   6.791   0.50 6.05  ? 56 HOH A O     1 
HETATM 430 O  O     . HOH D 3 .  ? 10.924  -6.877  -9.112  1.00 23.05 ? 61 HOH A O     1 
HETATM 431 O  O     . HOH D 3 .  ? 0.776   -9.888  0.050   1.00 28.15 ? 63 HOH A O     1 
HETATM 432 O  O     . HOH D 3 .  ? 10.911  -12.233 -5.728  1.00 20.39 ? 64 HOH A O     1 
HETATM 433 O  O     . HOH D 3 .  ? -10.603 6.315   11.108  1.00 20.37 ? 65 HOH A O     1 
HETATM 434 O  O     . HOH D 3 .  ? 8.177   -4.926  -4.900  1.00 16.57 ? 66 HOH A O     1 
HETATM 435 O  O     . HOH D 3 .  ? 19.666  -8.506  -2.037  1.00 28.56 ? 68 HOH A O     1 
HETATM 436 O  O     . HOH D 3 .  ? -6.396  -2.665  -4.204  1.00 21.75 ? 71 HOH A O     1 
HETATM 437 O  O     . HOH D 3 .  ? -12.887 5.686   12.554  1.00 19.21 ? 72 HOH A O     1 
HETATM 438 O  O     . HOH D 3 .  ? -2.445  5.818   7.812   1.00 31.26 ? 73 HOH A O     1 
HETATM 439 O  O     . HOH D 3 .  ? -1.681  -10.870 -0.501  1.00 24.17 ? 74 HOH A O     1 
HETATM 440 O  O     . HOH D 3 .  ? -0.999  -6.448  -2.341  1.00 36.33 ? 77 HOH A O     1 
HETATM 441 O  O     . HOH D 3 .  ? 7.697   -6.743  -8.338  1.00 35.19 ? 78 HOH A O     1 
HETATM 442 O  O     . HOH D 3 .  ? 6.730   -7.601  -6.901  1.00 30.60 ? 79 HOH A O     1 
HETATM 443 O  O     . HOH D 3 .  ? 13.878  -9.725  -10.382 1.00 37.22 ? 80 HOH A O     1 
HETATM 444 O  O     . HOH E 3 .  ? 4.148   10.667  -8.773  1.00 9.55  ? 23 HOH B O     1 
HETATM 445 O  O     . HOH E 3 .  ? 4.312   12.951  -9.795  1.00 20.35 ? 25 HOH B O     1 
HETATM 446 O  O     . HOH E 3 .  ? 5.476   -1.204  12.979  1.00 10.99 ? 29 HOH B O     1 
HETATM 447 O  O     . HOH E 3 .  ? 4.527   4.375   11.419  1.00 6.86  ? 30 HOH B O     1 
HETATM 448 O  O     . HOH E 3 .  ? 5.923   -13.798 10.299  1.00 3.21  ? 31 HOH B O     1 
HETATM 449 O  O     . HOH E 3 .  ? 2.474   0.983   5.628   1.00 7.60  ? 45 HOH B O     1 
HETATM 450 O  O     . HOH E 3 .  ? -17.650 5.602   -10.715 1.00 21.75 ? 46 HOH B O     1 
HETATM 451 O  O     . HOH E 3 .  ? 2.503   -5.829  3.295   1.00 27.85 ? 48 HOH B O     1 
HETATM 452 O  O     . HOH E 3 .  ? -12.458 3.456   -13.924 1.00 14.01 ? 49 HOH B O     1 
HETATM 453 O  O     . HOH E 3 .  ? 5.646   11.700  -5.858  1.00 36.06 ? 52 HOH B O     1 
HETATM 454 O  O     . HOH E 3 .  ? 1.203   -1.698  5.893   1.00 12.75 ? 55 HOH B O     1 
HETATM 455 O  O     . HOH E 3 .  ? -16.110 3.119   -12.797 1.00 26.27 ? 57 HOH B O     1 
HETATM 456 O  O     . HOH E 3 .  ? -3.408  5.873   -7.074  1.00 53.67 ? 58 HOH B O     1 
HETATM 457 O  O     . HOH E 3 .  ? -8.028  1.684   -14.327 1.00 15.33 ? 59 HOH B O     1 
HETATM 458 O  O     . HOH E 3 .  ? 0.356   5.832   0.535   1.00 14.34 ? 60 HOH B O     1 
HETATM 459 O  O     . HOH E 3 .  ? 5.250   6.452   -5.571  1.00 18.44 ? 62 HOH B O     1 
HETATM 460 O  O     . HOH E 3 .  ? -10.729 6.207   -10.050 1.00 23.46 ? 67 HOH B O     1 
HETATM 461 O  O     . HOH E 3 .  ? -5.779  0.508   -14.070 1.00 28.96 ? 69 HOH B O     1 
HETATM 462 O  O     . HOH E 3 .  ? -11.508 1.421   -11.144 1.00 30.04 ? 70 HOH B O     1 
HETATM 463 O  O     . HOH E 3 .  ? -12.055 10.087  -9.062  1.00 43.85 ? 75 HOH B O     1 
HETATM 464 O  O     . HOH E 3 .  ? 2.029   0.991   10.617  1.00 17.29 ? 76 HOH B O     1 
HETATM 465 O  O     . HOH E 3 .  ? 3.994   -16.189 7.827   1.00 37.26 ? 81 HOH B O     1 
HETATM 466 O  O     . HOH E 3 .  ? 8.718   2.214   2.792   1.00 25.85 ? 82 HOH B O     1 
# 
